data_3AE1
#
_entry.id   3AE1
#
_cell.length_a   71.465
_cell.length_b   84.065
_cell.length_c   294.622
_cell.angle_alpha   90.00
_cell.angle_beta   90.00
_cell.angle_gamma   90.00
#
_symmetry.space_group_name_H-M   'P 21 21 21'
#
loop_
_entity.id
_entity.type
_entity.pdbx_description
1 polymer 'Succinate dehydrogenase [ubiquinone] flavoprotein subunit, mitochondrial'
2 polymer 'Succinate dehydrogenase [ubiquinone] iron-sulfur subunit, mitochondrial'
3 polymer 'Succinate dehydrogenase cytochrome b560 subunit, mitochondrial'
4 polymer 'Succinate dehydrogenase [ubiquinone] cytochrome b small subunit, mitochondrial'
5 non-polymer 'FLAVIN-ADENINE DINUCLEOTIDE'
6 non-polymer 'MALONATE ION'
7 non-polymer 'FE2/S2 (INORGANIC) CLUSTER'
8 non-polymer 'IRON/SULFUR CLUSTER'
9 non-polymer 'FE3-S4 CLUSTER'
10 non-polymer 'PROTOPORPHYRIN IX CONTAINING FE'
11 non-polymer N-phenyl-2-(trifluoromethyl)benzamide
12 non-polymer L-ALPHA-PHOSPHATIDYL-BETA-OLEOYL-GAMMA-PALMITOYL-PHOSPHATIDYLETHANOLAMINE
#
loop_
_entity_poly.entity_id
_entity_poly.type
_entity_poly.pdbx_seq_one_letter_code
_entity_poly.pdbx_strand_id
1 'polypeptide(L)'
;SSAKVSDAISTQYPVVDHEFDAVVVGAGGAGLRAAFGLSEAGFNTACVTKLFPTRSHTVAAQGGINAALGNMEEDNWRWH
FYDTVKGSDWLGDQDAIHYMTEQAPASVVELENYGMPFSRTEDGKIYQRAFGGQSLKFGKGGQAHRCCCVADRTGHSLLH
TLYGRSLRYDTSYFVEYFALDLLMENGECRGVIALCIEDGSIHRIRARNTVVATGGYGRTYFSCTSAHTSTGDGTAMVTR
AGLPCQDLEFVQFHPTGIYGAGCLITEGCRGEGGILINSQGERFMERYAPVAKDLASRDVVSRSMTLEIREGRGCGPEKD
HVYLQLHHLPPEQLAVRLPGISETAMIFAGVDVTKEPIPVLPTVHYNMGGIPTNYKGQVLRHVNGQDQVVPGLYACGEAA
CASVHGANRLGANSLLDLVVFGRACALSIAESCRPGDKVPSIKPNAGEESVMNLDKLRFANGTIRTSELRLSMQKSMQSH
AAVFRVGSVLQEGCEKILRLYGDLQHLKTFDRGMVWNTDLVETLELQNLMLCALQTIYGAEARKESRGAHAREDFKERVD
EYDYSKPIQGQQKKPFQEHWRKHTLSYVDVKTGKVSLEYRPVIDKTLNEADCATVPPAIRSY
;
A
2 'polypeptide(L)'
;AQTAAATAPRIKKFAIYRWDPDKTGDKPHMQTYEIDLNNCGPMVLDALIKIKNEIDSTLTFRRSCREGICGSCAMNINGG
NTLACTRRIDTNLDKVSKIYPLPHMYVIKDLVPDLSNFYAQYKSIEPYLKKKDESQEGKQQYLQSIEEREKLDGLYECIL
CACCSTSCPSYWWNGDKYLGPAVLMQAYRWMIDSRDDFTEERLAKLQDPFSLYRCHTIMNCTGTCPKGLNPGKAIAEIKK
MMATYKEKKASA
;
B
3 'polypeptide(L)'
;LGTTAKEEMERFWNKNLGSNRPLSPHITIYRWSLPMAMSICHRGTGIALSAGVSLFGLSALLLPGNFESHLELVKSLCLG
PTLIYTAKFGIVFPLMYHTWNGIRHLIWDLGKGLTIPQLTQSGVVVLILTVLSSVGLAAM
;
C
4 'polypeptide(L)'
;ASSKAASLHWTGERVVSVLLLGLLPAAYLNPCSAMDYSLAAALTLHGHWGIGQVVTDYVRGDALQKAAKAGLLALSAFTF
AGLCYFNYHDVGICKAVAMLWKL
;
D
#
loop_
_chem_comp.id
_chem_comp.type
_chem_comp.name
_chem_comp.formula
EPH non-polymer L-ALPHA-PHOSPHATIDYL-BETA-OLEOYL-GAMMA-PALMITOYL-PHOSPHATIDYLETHANOLAMINE 'C39 H68 N O8 P'
F3S non-polymer 'FE3-S4 CLUSTER' 'Fe3 S4'
FAD non-polymer 'FLAVIN-ADENINE DINUCLEOTIDE' 'C27 H33 N9 O15 P2'
FES non-polymer 'FE2/S2 (INORGANIC) CLUSTER' 'Fe2 S2'
HEM non-polymer 'PROTOPORPHYRIN IX CONTAINING FE' 'C34 H32 Fe N4 O4'
MLI non-polymer 'MALONATE ION' 'C3 H2 O4 -2'
SF4 non-polymer 'IRON/SULFUR CLUSTER' 'Fe4 S4'
TFZ non-polymer N-phenyl-2-(trifluoromethyl)benzamide 'C14 H10 F3 N O'
#
# COMPACT_ATOMS: atom_id res chain seq x y z
N SER A 10 7.98 -19.27 -28.16
CA SER A 10 8.14 -20.40 -29.11
C SER A 10 9.56 -20.87 -29.34
N THR A 11 10.05 -21.71 -28.43
CA THR A 11 11.44 -22.26 -28.46
C THR A 11 12.50 -21.16 -28.33
N GLN A 12 12.06 -19.96 -27.94
CA GLN A 12 12.97 -18.85 -27.62
C GLN A 12 12.53 -18.57 -26.19
N TYR A 13 11.28 -18.93 -25.88
CA TYR A 13 10.72 -18.75 -24.55
C TYR A 13 10.60 -20.08 -23.81
N PRO A 14 11.20 -20.16 -22.60
CA PRO A 14 11.02 -21.35 -21.76
C PRO A 14 9.62 -21.42 -21.15
N VAL A 15 8.94 -22.55 -21.32
CA VAL A 15 7.61 -22.75 -20.77
C VAL A 15 7.59 -23.70 -19.57
N VAL A 16 7.08 -23.22 -18.45
CA VAL A 16 6.97 -24.02 -17.23
C VAL A 16 5.51 -24.26 -16.87
N ASP A 17 5.12 -25.53 -16.81
CA ASP A 17 3.73 -25.90 -16.50
C ASP A 17 3.52 -26.14 -15.01
N HIS A 18 2.40 -25.64 -14.50
CA HIS A 18 2.02 -25.79 -13.10
C HIS A 18 0.67 -26.51 -12.98
N GLU A 19 0.53 -27.32 -11.94
CA GLU A 19 -0.70 -28.08 -11.71
C GLU A 19 -1.35 -27.69 -10.38
N PHE A 20 -2.60 -27.23 -10.46
CA PHE A 20 -3.34 -26.80 -9.28
C PHE A 20 -4.80 -27.26 -9.32
N ASP A 21 -5.50 -27.06 -8.20
CA ASP A 21 -6.93 -27.33 -8.13
C ASP A 21 -7.74 -26.11 -8.56
N ALA A 22 -7.20 -24.92 -8.27
CA ALA A 22 -7.86 -23.66 -8.57
C ALA A 22 -6.86 -22.55 -8.85
N VAL A 23 -7.21 -21.66 -9.79
CA VAL A 23 -6.42 -20.47 -10.07
C VAL A 23 -7.27 -19.23 -9.85
N VAL A 24 -6.79 -18.30 -9.03
CA VAL A 24 -7.44 -17.00 -8.89
C VAL A 24 -6.54 -15.94 -9.53
N VAL A 25 -7.04 -15.30 -10.58
CA VAL A 25 -6.34 -14.20 -11.21
C VAL A 25 -6.79 -12.89 -10.55
N GLY A 26 -5.86 -12.27 -9.81
CA GLY A 26 -6.17 -11.05 -9.06
C GLY A 26 -5.93 -11.20 -7.58
N ALA A 27 -5.31 -10.19 -6.97
CA ALA A 27 -5.02 -10.22 -5.55
C ALA A 27 -5.55 -8.97 -4.84
N GLY A 28 -6.62 -8.40 -5.40
CA GLY A 28 -7.30 -7.28 -4.77
C GLY A 28 -8.17 -7.74 -3.61
N GLY A 29 -9.21 -6.97 -3.32
CA GLY A 29 -10.18 -7.34 -2.28
C GLY A 29 -10.88 -8.64 -2.64
N ALA A 30 -11.43 -8.69 -3.85
CA ALA A 30 -12.13 -9.88 -4.34
C ALA A 30 -11.19 -11.08 -4.41
N GLY A 31 -10.11 -10.94 -5.18
CA GLY A 31 -9.13 -12.02 -5.39
C GLY A 31 -8.73 -12.75 -4.12
N LEU A 32 -8.23 -12.00 -3.15
CA LEU A 32 -7.77 -12.55 -1.87
C LEU A 32 -8.83 -13.39 -1.13
N ARG A 33 -10.03 -12.82 -0.96
CA ARG A 33 -11.12 -13.51 -0.26
C ARG A 33 -11.48 -14.81 -0.96
N ALA A 34 -11.43 -14.79 -2.30
CA ALA A 34 -11.62 -15.99 -3.10
C ALA A 34 -10.41 -16.93 -3.00
N ALA A 35 -9.21 -16.34 -2.97
CA ALA A 35 -7.97 -17.10 -2.93
C ALA A 35 -7.83 -17.95 -1.66
N PHE A 36 -7.85 -17.31 -0.48
CA PHE A 36 -7.70 -18.04 0.78
C PHE A 36 -8.97 -18.77 1.20
N GLY A 37 -10.11 -18.35 0.67
CA GLY A 37 -11.40 -19.02 0.88
C GLY A 37 -11.42 -20.41 0.27
N LEU A 38 -10.76 -20.55 -0.89
CA LEU A 38 -10.59 -21.85 -1.53
C LEU A 38 -9.68 -22.76 -0.72
N SER A 39 -8.56 -22.21 -0.23
CA SER A 39 -7.59 -22.97 0.57
C SER A 39 -8.15 -23.35 1.94
N GLU A 40 -8.95 -22.46 2.52
CA GLU A 40 -9.69 -22.73 3.75
C GLU A 40 -10.57 -23.97 3.58
N ALA A 41 -11.06 -24.16 2.36
CA ALA A 41 -11.88 -25.33 2.01
C ALA A 41 -11.02 -26.52 1.54
N GLY A 42 -9.71 -26.41 1.72
CA GLY A 42 -8.78 -27.52 1.47
C GLY A 42 -8.39 -27.75 0.02
N PHE A 43 -8.44 -26.67 -0.78
CA PHE A 43 -8.04 -26.73 -2.19
C PHE A 43 -6.61 -26.23 -2.39
N ASN A 44 -5.87 -26.92 -3.24
CA ASN A 44 -4.55 -26.45 -3.65
C ASN A 44 -4.69 -25.30 -4.64
N THR A 45 -4.59 -24.09 -4.12
CA THR A 45 -4.93 -22.89 -4.87
C THR A 45 -3.71 -22.05 -5.23
N ALA A 46 -3.73 -21.49 -6.44
CA ALA A 46 -2.72 -20.53 -6.88
C ALA A 46 -3.36 -19.15 -7.06
N CYS A 47 -2.60 -18.10 -6.78
CA CYS A 47 -3.07 -16.74 -7.00
C CYS A 47 -2.08 -15.94 -7.84
N VAL A 48 -2.48 -15.65 -9.08
CA VAL A 48 -1.64 -14.94 -10.04
C VAL A 48 -2.02 -13.46 -10.02
N THR A 49 -1.01 -12.60 -9.88
CA THR A 49 -1.23 -11.16 -9.74
C THR A 49 -0.05 -10.33 -10.26
N LYS A 50 -0.36 -9.26 -11.00
CA LYS A 50 0.67 -8.40 -11.60
C LYS A 50 1.25 -7.38 -10.62
N LEU A 51 0.48 -7.08 -9.57
CA LEU A 51 0.93 -6.25 -8.47
C LEU A 51 1.16 -7.12 -7.23
N PHE A 52 1.90 -6.58 -6.26
CA PHE A 52 1.92 -7.17 -4.93
C PHE A 52 0.54 -6.95 -4.31
N PRO A 53 -0.06 -8.01 -3.73
CA PRO A 53 -1.42 -7.97 -3.19
C PRO A 53 -1.83 -6.64 -2.56
N THR A 54 -0.99 -6.09 -1.70
CA THR A 54 -1.26 -4.83 -1.01
C THR A 54 -1.40 -3.63 -1.94
N ARG A 55 -0.68 -3.64 -3.05
CA ARG A 55 -0.66 -2.51 -3.99
C ARG A 55 -1.92 -2.41 -4.83
N SER A 56 -2.71 -3.50 -4.86
CA SER A 56 -3.96 -3.57 -5.63
C SER A 56 -4.83 -2.36 -5.35
N HIS A 57 -5.64 -1.93 -6.30
CA HIS A 57 -6.43 -0.71 -6.19
C HIS A 57 -7.34 -0.63 -5.00
N THR A 58 -7.68 -1.77 -4.42
CA THR A 58 -8.54 -1.81 -3.24
C THR A 58 -8.02 -0.97 -2.07
N VAL A 59 -6.71 -0.71 -2.02
CA VAL A 59 -6.15 0.16 -0.97
C VAL A 59 -6.68 1.59 -1.05
N ALA A 60 -6.92 2.06 -2.28
CA ALA A 60 -7.38 3.43 -2.52
C ALA A 60 -8.75 3.70 -1.92
N ALA A 61 -9.50 2.64 -1.66
CA ALA A 61 -10.86 2.75 -1.13
C ALA A 61 -10.90 3.49 0.20
N GLN A 62 -11.89 4.36 0.34
CA GLN A 62 -11.95 5.32 1.44
C GLN A 62 -13.35 5.55 2.00
N GLY A 63 -14.38 5.31 1.19
CA GLY A 63 -15.77 5.51 1.62
C GLY A 63 -16.18 4.60 2.75
N GLY A 64 -16.45 3.34 2.42
CA GLY A 64 -16.77 2.34 3.42
C GLY A 64 -17.25 1.03 2.84
N ILE A 65 -17.77 0.17 3.71
CA ILE A 65 -18.31 -1.12 3.30
C ILE A 65 -19.71 -1.32 3.91
N ASN A 66 -20.70 -1.47 3.04
CA ASN A 66 -22.10 -1.48 3.47
C ASN A 66 -22.60 -2.80 4.08
N ALA A 67 -23.17 -2.69 5.28
CA ALA A 67 -23.85 -3.81 5.93
C ALA A 67 -24.95 -3.27 6.83
N ALA A 68 -26.09 -3.93 6.82
CA ALA A 68 -27.19 -3.59 7.71
C ALA A 68 -26.98 -4.21 9.09
N LEU A 69 -25.92 -3.77 9.77
CA LEU A 69 -25.59 -4.25 11.10
C LEU A 69 -26.46 -3.63 12.18
N GLY A 70 -27.04 -2.46 11.87
CA GLY A 70 -27.95 -1.77 12.76
C GLY A 70 -27.29 -1.23 14.02
N ASN A 71 -26.08 -0.71 13.85
CA ASN A 71 -25.29 -0.18 14.96
C ASN A 71 -25.68 1.22 15.41
N MET A 72 -26.24 2.01 14.50
CA MET A 72 -26.55 3.41 14.76
C MET A 72 -28.03 3.61 15.01
N GLU A 73 -28.85 3.21 14.03
CA GLU A 73 -30.30 3.09 14.21
C GLU A 73 -30.69 1.65 13.88
N GLU A 74 -31.90 1.23 14.25
CA GLU A 74 -32.35 -0.13 13.91
C GLU A 74 -32.50 -0.30 12.40
N ASP A 75 -31.99 -1.41 11.88
CA ASP A 75 -31.89 -1.61 10.44
C ASP A 75 -32.34 -3.01 10.04
N ASN A 76 -32.77 -3.14 8.78
CA ASN A 76 -33.11 -4.42 8.18
C ASN A 76 -32.36 -4.56 6.87
N TRP A 77 -31.79 -5.74 6.61
CA TRP A 77 -31.01 -5.97 5.40
C TRP A 77 -31.86 -5.83 4.13
N ARG A 78 -33.16 -6.06 4.29
CA ARG A 78 -34.11 -5.95 3.19
C ARG A 78 -34.28 -4.50 2.70
N TRP A 79 -34.04 -3.54 3.60
CA TRP A 79 -34.04 -2.12 3.22
C TRP A 79 -32.82 -1.80 2.35
N HIS A 80 -31.70 -2.43 2.70
CA HIS A 80 -30.46 -2.32 1.93
C HIS A 80 -30.64 -2.96 0.55
N PHE A 81 -31.43 -4.02 0.50
CA PHE A 81 -31.83 -4.67 -0.75
C PHE A 81 -32.58 -3.68 -1.65
N TYR A 82 -33.61 -3.05 -1.10
CA TYR A 82 -34.43 -2.11 -1.87
C TYR A 82 -33.60 -0.98 -2.48
N ASP A 83 -32.67 -0.45 -1.69
CA ASP A 83 -31.85 0.68 -2.10
C ASP A 83 -30.88 0.34 -3.23
N THR A 84 -30.40 -0.91 -3.23
CA THR A 84 -29.47 -1.38 -4.24
C THR A 84 -30.17 -1.58 -5.59
N VAL A 85 -31.31 -2.27 -5.56
CA VAL A 85 -32.10 -2.50 -6.78
C VAL A 85 -32.67 -1.20 -7.36
N LYS A 86 -33.07 -0.27 -6.49
CA LYS A 86 -33.51 1.04 -6.95
C LYS A 86 -32.36 1.81 -7.57
N GLY A 87 -31.22 1.83 -6.86
CA GLY A 87 -30.00 2.46 -7.35
C GLY A 87 -29.57 1.93 -8.70
N SER A 88 -29.74 0.62 -8.89
CA SER A 88 -29.36 -0.08 -10.13
C SER A 88 -30.23 0.32 -11.32
N ASP A 89 -31.26 1.14 -11.05
CA ASP A 89 -32.22 1.60 -12.06
C ASP A 89 -32.92 0.42 -12.75
N TRP A 90 -33.09 -0.67 -11.99
CA TRP A 90 -33.77 -1.88 -12.42
C TRP A 90 -33.12 -2.65 -13.59
N LEU A 91 -31.81 -2.45 -13.74
CA LEU A 91 -31.01 -3.31 -14.60
C LEU A 91 -30.27 -4.33 -13.74
N GLY A 92 -30.36 -4.13 -12.43
CA GLY A 92 -29.72 -5.02 -11.45
C GLY A 92 -30.50 -6.30 -11.25
N ASP A 93 -29.80 -7.42 -11.37
CA ASP A 93 -30.40 -8.74 -11.18
C ASP A 93 -30.63 -8.97 -9.69
N GLN A 94 -31.90 -9.07 -9.32
CA GLN A 94 -32.33 -9.05 -7.92
C GLN A 94 -31.98 -10.31 -7.15
N ASP A 95 -31.76 -11.41 -7.86
CA ASP A 95 -31.36 -12.67 -7.23
C ASP A 95 -29.96 -12.57 -6.60
N ALA A 96 -29.10 -11.77 -7.22
CA ALA A 96 -27.75 -11.54 -6.73
C ALA A 96 -27.69 -10.37 -5.74
N ILE A 97 -28.66 -9.46 -5.85
CA ILE A 97 -28.78 -8.36 -4.88
C ILE A 97 -29.32 -8.90 -3.56
N HIS A 98 -30.31 -9.80 -3.65
CA HIS A 98 -30.81 -10.52 -2.48
C HIS A 98 -29.65 -11.21 -1.77
N TYR A 99 -28.87 -11.99 -2.53
CA TYR A 99 -27.75 -12.77 -1.99
C TYR A 99 -26.73 -11.90 -1.26
N MET A 100 -26.40 -10.76 -1.86
CA MET A 100 -25.36 -9.88 -1.35
C MET A 100 -25.81 -9.15 -0.09
N THR A 101 -26.97 -8.49 -0.16
CA THR A 101 -27.47 -7.66 0.94
C THR A 101 -27.82 -8.47 2.19
N GLU A 102 -28.19 -9.74 2.01
CA GLU A 102 -28.37 -10.65 3.13
C GLU A 102 -27.02 -10.99 3.77
N GLN A 103 -26.05 -11.32 2.92
CA GLN A 103 -24.71 -11.68 3.38
C GLN A 103 -23.98 -10.50 4.01
N ALA A 104 -24.37 -9.28 3.63
CA ALA A 104 -23.69 -8.06 4.05
C ALA A 104 -23.23 -8.05 5.51
N PRO A 105 -24.17 -8.16 6.49
CA PRO A 105 -23.79 -8.14 7.90
C PRO A 105 -22.84 -9.27 8.27
N ALA A 106 -23.18 -10.48 7.83
CA ALA A 106 -22.33 -11.65 8.06
C ALA A 106 -20.92 -11.46 7.51
N SER A 107 -20.82 -10.83 6.33
CA SER A 107 -19.55 -10.59 5.65
C SER A 107 -18.67 -9.55 6.34
N VAL A 108 -19.28 -8.47 6.83
CA VAL A 108 -18.56 -7.39 7.52
C VAL A 108 -18.02 -7.87 8.86
N VAL A 109 -18.85 -8.61 9.59
CA VAL A 109 -18.44 -9.20 10.86
C VAL A 109 -17.27 -10.16 10.65
N GLU A 110 -17.29 -10.90 9.54
CA GLU A 110 -16.18 -11.77 9.18
C GLU A 110 -14.87 -10.98 9.13
N LEU A 111 -14.91 -9.81 8.50
CA LEU A 111 -13.74 -8.94 8.35
C LEU A 111 -13.27 -8.35 9.68
N GLU A 112 -14.23 -7.96 10.52
CA GLU A 112 -13.91 -7.38 11.82
C GLU A 112 -13.23 -8.41 12.72
N ASN A 113 -13.68 -9.65 12.62
CA ASN A 113 -13.09 -10.74 13.39
C ASN A 113 -11.74 -11.17 12.84
N TYR A 114 -11.50 -10.90 11.55
CA TYR A 114 -10.18 -11.10 10.95
C TYR A 114 -9.14 -10.12 11.48
N GLY A 115 -9.59 -8.95 11.94
CA GLY A 115 -8.71 -7.96 12.54
C GLY A 115 -8.80 -6.56 11.96
N MET A 116 -9.79 -6.32 11.10
CA MET A 116 -9.97 -5.01 10.48
C MET A 116 -10.30 -3.97 11.56
N PRO A 117 -9.51 -2.88 11.63
CA PRO A 117 -9.68 -1.88 12.68
C PRO A 117 -10.76 -0.83 12.37
N PHE A 118 -12.01 -1.27 12.29
CA PHE A 118 -13.15 -0.36 12.08
C PHE A 118 -13.21 0.73 13.14
N SER A 119 -13.72 1.90 12.76
CA SER A 119 -14.02 2.96 13.72
C SER A 119 -15.08 2.48 14.70
N ARG A 120 -15.24 3.17 15.82
CA ARG A 120 -16.10 2.66 16.89
C ARG A 120 -17.13 3.65 17.43
N THR A 121 -18.26 3.10 17.87
CA THR A 121 -19.35 3.88 18.45
C THR A 121 -19.17 3.99 19.96
N GLU A 122 -20.12 4.65 20.64
CA GLU A 122 -20.11 4.74 22.09
C GLU A 122 -20.37 3.38 22.75
N ASP A 123 -21.16 2.55 22.08
CA ASP A 123 -21.41 1.17 22.52
C ASP A 123 -20.18 0.29 22.34
N GLY A 124 -19.29 0.71 21.44
CA GLY A 124 -18.06 -0.04 21.14
C GLY A 124 -18.15 -0.89 19.89
N LYS A 125 -19.25 -0.73 19.16
CA LYS A 125 -19.49 -1.49 17.93
C LYS A 125 -18.96 -0.75 16.70
N ILE A 126 -19.03 -1.40 15.53
CA ILE A 126 -18.58 -0.80 14.27
C ILE A 126 -19.35 0.48 13.96
N TYR A 127 -18.61 1.54 13.66
CA TYR A 127 -19.21 2.82 13.30
C TYR A 127 -19.68 2.81 11.85
N GLN A 128 -20.91 3.28 11.65
CA GLN A 128 -21.48 3.46 10.32
C GLN A 128 -21.96 4.89 10.21
N ARG A 129 -22.00 5.42 8.98
CA ARG A 129 -22.68 6.71 8.74
C ARG A 129 -23.24 6.84 7.33
N ALA A 130 -24.04 7.89 7.13
CA ALA A 130 -24.78 8.14 5.90
C ALA A 130 -23.94 8.09 4.64
N PHE A 131 -24.58 7.69 3.54
CA PHE A 131 -23.93 7.59 2.24
C PHE A 131 -24.98 7.74 1.16
N GLY A 132 -24.56 8.31 0.02
CA GLY A 132 -25.47 8.66 -1.08
C GLY A 132 -26.31 7.52 -1.64
N GLY A 133 -27.62 7.62 -1.44
CA GLY A 133 -28.58 6.70 -2.06
C GLY A 133 -29.28 5.72 -1.13
N GLN A 134 -28.94 5.75 0.15
CA GLN A 134 -29.46 4.78 1.11
C GLN A 134 -30.54 5.35 2.04
N SER A 135 -31.54 4.52 2.33
CA SER A 135 -32.71 4.92 3.10
C SER A 135 -33.25 3.81 4.01
N LEU A 136 -34.02 4.20 5.02
CA LEU A 136 -34.70 3.26 5.90
C LEU A 136 -36.13 3.03 5.41
N LYS A 137 -36.76 1.95 5.90
CA LYS A 137 -38.15 1.61 5.60
C LYS A 137 -38.50 1.63 4.11
N PHE A 138 -37.66 0.98 3.30
CA PHE A 138 -37.85 0.88 1.84
C PHE A 138 -38.03 2.25 1.17
N GLY A 139 -37.26 3.24 1.61
CA GLY A 139 -37.33 4.59 1.04
C GLY A 139 -38.18 5.56 1.84
N LYS A 140 -39.11 5.03 2.62
CA LYS A 140 -40.10 5.84 3.34
C LYS A 140 -39.57 6.43 4.66
N GLY A 141 -38.48 5.87 5.18
CA GLY A 141 -38.02 6.20 6.53
C GLY A 141 -36.79 7.08 6.67
N GLY A 142 -36.46 7.82 5.61
CA GLY A 142 -35.36 8.78 5.64
C GLY A 142 -33.97 8.17 5.49
N GLN A 143 -32.95 9.00 5.70
CA GLN A 143 -31.55 8.62 5.48
C GLN A 143 -31.05 7.51 6.41
N ALA A 144 -30.35 6.54 5.82
CA ALA A 144 -29.83 5.37 6.53
C ALA A 144 -28.32 5.44 6.76
N HIS A 145 -27.89 4.99 7.94
CA HIS A 145 -26.47 4.97 8.31
C HIS A 145 -25.97 3.54 8.41
N ARG A 146 -25.47 3.01 7.29
CA ARG A 146 -24.99 1.62 7.24
C ARG A 146 -23.64 1.43 6.54
N CYS A 147 -22.91 2.52 6.36
CA CYS A 147 -21.59 2.46 5.74
C CYS A 147 -20.52 2.23 6.80
N CYS A 148 -20.10 0.97 6.93
CA CYS A 148 -19.04 0.59 7.88
C CYS A 148 -17.69 1.04 7.34
N CYS A 149 -16.94 1.79 8.14
CA CYS A 149 -15.70 2.40 7.67
C CYS A 149 -14.56 2.35 8.68
N VAL A 150 -13.33 2.24 8.16
CA VAL A 150 -12.13 2.41 8.96
C VAL A 150 -11.60 3.85 8.91
N ALA A 151 -12.38 4.75 9.50
CA ALA A 151 -12.16 6.19 9.42
C ALA A 151 -12.27 6.43 7.91
N ASP A 152 -11.25 7.06 7.33
CA ASP A 152 -11.24 7.36 5.92
C ASP A 152 -10.44 6.43 5.01
N ARG A 153 -9.90 5.35 5.60
CA ARG A 153 -8.98 4.46 4.89
C ARG A 153 -9.47 3.02 4.93
N THR A 154 -10.77 2.85 4.73
CA THR A 154 -11.44 1.56 4.87
C THR A 154 -10.94 0.49 3.87
N GLY A 155 -10.74 0.88 2.63
CA GLY A 155 -10.27 -0.03 1.60
C GLY A 155 -8.85 -0.50 1.84
N HIS A 156 -8.01 0.42 2.33
CA HIS A 156 -6.64 0.12 2.73
C HIS A 156 -6.61 -0.95 3.83
N SER A 157 -7.38 -0.72 4.90
CA SER A 157 -7.51 -1.69 5.99
C SER A 157 -8.12 -3.00 5.54
N LEU A 158 -9.13 -2.92 4.67
CA LEU A 158 -9.77 -4.12 4.11
C LEU A 158 -8.74 -5.00 3.39
N LEU A 159 -7.88 -4.38 2.60
CA LEU A 159 -6.91 -5.13 1.80
C LEU A 159 -5.82 -5.77 2.67
N HIS A 160 -5.33 -5.02 3.64
CA HIS A 160 -4.26 -5.49 4.53
C HIS A 160 -4.73 -6.59 5.49
N THR A 161 -5.98 -6.48 5.94
CA THR A 161 -6.57 -7.48 6.83
C THR A 161 -6.74 -8.79 6.08
N LEU A 162 -7.25 -8.70 4.86
CA LEU A 162 -7.41 -9.89 4.01
C LEU A 162 -6.08 -10.54 3.70
N TYR A 163 -5.12 -9.73 3.26
CA TYR A 163 -3.76 -10.22 3.01
C TYR A 163 -3.14 -10.79 4.28
N GLY A 164 -3.33 -10.09 5.40
CA GLY A 164 -2.90 -10.59 6.69
C GLY A 164 -3.39 -12.00 6.92
N ARG A 165 -4.71 -12.18 6.76
CA ARG A 165 -5.34 -13.49 6.92
C ARG A 165 -4.86 -14.50 5.89
N SER A 166 -4.70 -14.05 4.65
CA SER A 166 -4.33 -14.93 3.53
C SER A 166 -3.04 -15.71 3.79
N LEU A 167 -2.25 -15.22 4.72
CA LEU A 167 -0.96 -15.80 5.07
C LEU A 167 -1.07 -17.05 5.96
N ARG A 168 -2.26 -17.29 6.51
CA ARG A 168 -2.48 -18.44 7.40
C ARG A 168 -2.60 -19.75 6.61
N TYR A 169 -2.93 -19.63 5.33
CA TYR A 169 -3.13 -20.80 4.47
C TYR A 169 -1.99 -20.93 3.46
N ASP A 170 -1.89 -22.09 2.81
CA ASP A 170 -0.78 -22.38 1.91
C ASP A 170 -1.09 -22.12 0.42
N THR A 171 -1.79 -21.02 0.14
CA THR A 171 -1.97 -20.56 -1.23
C THR A 171 -0.61 -20.25 -1.88
N SER A 172 -0.42 -20.70 -3.11
CA SER A 172 0.81 -20.43 -3.85
C SER A 172 0.66 -19.17 -4.70
N TYR A 173 1.25 -18.08 -4.22
CA TYR A 173 1.12 -16.77 -4.87
C TYR A 173 2.15 -16.56 -5.96
N PHE A 174 1.66 -16.21 -7.14
CA PHE A 174 2.53 -15.79 -8.24
C PHE A 174 2.53 -14.26 -8.31
N VAL A 175 3.40 -13.66 -7.48
CA VAL A 175 3.45 -12.21 -7.32
C VAL A 175 4.18 -11.57 -8.48
N GLU A 176 3.62 -10.46 -8.96
CA GLU A 176 4.12 -9.74 -10.15
C GLU A 176 4.25 -10.66 -11.37
N TYR A 177 3.16 -11.37 -11.64
CA TYR A 177 2.98 -12.20 -12.84
C TYR A 177 1.82 -11.63 -13.64
N PHE A 178 2.05 -11.38 -14.92
CA PHE A 178 1.02 -10.77 -15.78
C PHE A 178 0.29 -11.84 -16.58
N ALA A 179 -0.99 -12.04 -16.26
CA ALA A 179 -1.83 -13.01 -16.97
C ALA A 179 -2.11 -12.55 -18.40
N LEU A 180 -1.77 -13.41 -19.36
CA LEU A 180 -1.87 -13.07 -20.77
C LEU A 180 -3.24 -13.42 -21.34
N ASP A 181 -3.60 -14.70 -21.28
CA ASP A 181 -4.87 -15.20 -21.80
C ASP A 181 -5.40 -16.33 -20.93
N LEU A 182 -6.64 -16.73 -21.19
CA LEU A 182 -7.23 -17.90 -20.54
C LEU A 182 -6.80 -19.17 -21.28
N LEU A 183 -6.52 -20.23 -20.54
CA LEU A 183 -6.22 -21.51 -21.14
C LEU A 183 -7.52 -22.24 -21.51
N MET A 184 -8.10 -21.84 -22.64
CA MET A 184 -9.38 -22.37 -23.08
C MET A 184 -9.20 -23.59 -23.96
N GLU A 185 -10.13 -24.54 -23.84
CA GLU A 185 -10.15 -25.72 -24.72
C GLU A 185 -11.57 -26.28 -24.82
N ASN A 186 -12.14 -26.19 -26.03
CA ASN A 186 -13.49 -26.64 -26.34
C ASN A 186 -14.55 -26.09 -25.38
N GLY A 187 -14.58 -24.76 -25.27
CA GLY A 187 -15.55 -24.05 -24.43
C GLY A 187 -15.46 -24.35 -22.95
N GLU A 188 -14.26 -24.70 -22.49
CA GLU A 188 -14.01 -25.00 -21.08
C GLU A 188 -12.68 -24.38 -20.67
N CYS A 189 -12.64 -23.81 -19.46
CA CYS A 189 -11.42 -23.17 -18.98
C CYS A 189 -10.53 -24.14 -18.21
N ARG A 190 -9.25 -24.13 -18.55
CA ARG A 190 -8.29 -25.07 -17.97
C ARG A 190 -7.23 -24.35 -17.13
N GLY A 191 -7.26 -23.03 -17.13
CA GLY A 191 -6.31 -22.23 -16.36
C GLY A 191 -5.92 -20.92 -17.03
N VAL A 192 -4.73 -20.41 -16.71
CA VAL A 192 -4.20 -19.20 -17.34
C VAL A 192 -2.74 -19.35 -17.78
N ILE A 193 -2.41 -18.67 -18.87
CA ILE A 193 -1.03 -18.52 -19.30
C ILE A 193 -0.56 -17.11 -18.88
N ALA A 194 0.63 -17.04 -18.29
CA ALA A 194 1.10 -15.79 -17.70
C ALA A 194 2.60 -15.54 -17.90
N LEU A 195 2.95 -14.26 -18.01
CA LEU A 195 4.34 -13.84 -18.06
C LEU A 195 4.83 -13.53 -16.65
N CYS A 196 5.99 -14.05 -16.32
CA CYS A 196 6.69 -13.72 -15.07
C CYS A 196 7.54 -12.46 -15.30
N ILE A 197 7.06 -11.33 -14.80
CA ILE A 197 7.72 -10.03 -15.00
C ILE A 197 9.19 -10.04 -14.56
N GLU A 198 9.50 -10.80 -13.52
CA GLU A 198 10.86 -10.85 -12.96
C GLU A 198 11.93 -11.33 -13.96
N ASP A 199 11.74 -12.52 -14.54
CA ASP A 199 12.74 -13.06 -15.47
C ASP A 199 12.23 -13.31 -16.89
N GLY A 200 11.06 -12.74 -17.20
CA GLY A 200 10.49 -12.79 -18.55
C GLY A 200 10.07 -14.17 -19.02
N SER A 201 9.88 -15.10 -18.09
CA SER A 201 9.53 -16.49 -18.43
C SER A 201 8.02 -16.71 -18.54
N ILE A 202 7.64 -17.61 -19.45
CA ILE A 202 6.23 -17.92 -19.71
C ILE A 202 5.79 -19.13 -18.87
N HIS A 203 4.71 -18.96 -18.12
CA HIS A 203 4.18 -20.00 -17.24
C HIS A 203 2.74 -20.39 -17.57
N ARG A 204 2.52 -21.68 -17.73
CA ARG A 204 1.19 -22.23 -17.96
C ARG A 204 0.65 -22.84 -16.67
N ILE A 205 -0.22 -22.10 -16.00
CA ILE A 205 -0.83 -22.57 -14.76
C ILE A 205 -2.21 -23.14 -15.06
N ARG A 206 -2.37 -24.45 -14.83
CA ARG A 206 -3.62 -25.14 -15.14
C ARG A 206 -4.35 -25.65 -13.89
N ALA A 207 -5.68 -25.57 -13.92
CA ALA A 207 -6.53 -26.00 -12.81
C ALA A 207 -7.95 -26.33 -13.25
N ARG A 208 -8.69 -27.04 -12.39
CA ARG A 208 -10.07 -27.44 -12.66
C ARG A 208 -11.02 -26.24 -12.66
N ASN A 209 -10.68 -25.22 -11.88
CA ASN A 209 -11.47 -24.00 -11.78
C ASN A 209 -10.62 -22.75 -11.82
N THR A 210 -11.07 -21.78 -12.61
CA THR A 210 -10.38 -20.50 -12.76
C THR A 210 -11.29 -19.38 -12.26
N VAL A 211 -10.75 -18.49 -11.45
CA VAL A 211 -11.48 -17.33 -10.93
C VAL A 211 -10.82 -16.06 -11.43
N VAL A 212 -11.61 -15.15 -11.97
CA VAL A 212 -11.10 -13.88 -12.51
C VAL A 212 -11.56 -12.72 -11.63
N ALA A 213 -10.61 -12.05 -10.99
CA ALA A 213 -10.89 -10.86 -10.20
C ALA A 213 -9.87 -9.77 -10.50
N THR A 214 -9.83 -9.35 -11.75
CA THR A 214 -8.82 -8.42 -12.25
C THR A 214 -9.24 -6.94 -12.15
N GLY A 215 -10.38 -6.70 -11.50
CA GLY A 215 -10.88 -5.34 -11.32
C GLY A 215 -11.24 -4.62 -12.61
N GLY A 216 -11.47 -3.31 -12.51
CA GLY A 216 -12.02 -2.52 -13.61
C GLY A 216 -11.03 -2.12 -14.68
N TYR A 217 -11.47 -1.19 -15.53
CA TYR A 217 -10.68 -0.71 -16.66
C TYR A 217 -10.77 0.81 -16.80
N GLY A 218 -10.78 1.50 -15.66
CA GLY A 218 -10.93 2.95 -15.62
C GLY A 218 -9.92 3.75 -16.42
N ARG A 219 -8.87 3.09 -16.90
CA ARG A 219 -7.80 3.75 -17.66
C ARG A 219 -8.11 3.91 -19.15
N THR A 220 -9.32 3.57 -19.55
CA THR A 220 -9.80 3.82 -20.91
C THR A 220 -10.03 5.32 -21.14
N TYR A 221 -10.14 6.07 -20.05
CA TYR A 221 -10.39 7.51 -20.09
C TYR A 221 -9.18 8.33 -19.66
N PHE A 222 -9.19 9.61 -20.01
CA PHE A 222 -8.07 10.51 -19.69
C PHE A 222 -8.04 10.93 -18.22
N SER A 223 -9.22 11.05 -17.61
CA SER A 223 -9.32 11.44 -16.21
C SER A 223 -10.16 10.43 -15.44
N CYS A 224 -9.57 9.85 -14.39
CA CYS A 224 -10.21 8.80 -13.60
C CYS A 224 -9.59 8.67 -12.20
N THR A 225 -10.39 8.18 -11.25
CA THR A 225 -9.91 7.94 -9.88
C THR A 225 -9.06 6.67 -9.80
N SER A 226 -9.17 5.85 -10.85
CA SER A 226 -8.50 4.55 -10.92
C SER A 226 -6.98 4.65 -10.95
N ALA A 227 -6.34 3.53 -10.64
CA ALA A 227 -4.88 3.42 -10.68
C ALA A 227 -4.39 3.23 -12.12
N HIS A 228 -3.08 3.37 -12.32
CA HIS A 228 -2.44 3.10 -13.61
C HIS A 228 -2.55 1.62 -14.00
N THR A 229 -2.90 0.78 -13.03
CA THR A 229 -2.99 -0.68 -13.22
C THR A 229 -4.42 -1.18 -13.47
N SER A 230 -5.38 -0.25 -13.54
CA SER A 230 -6.78 -0.58 -13.83
C SER A 230 -6.98 -0.65 -15.34
N THR A 231 -6.59 -1.77 -15.94
CA THR A 231 -6.56 -1.91 -17.39
C THR A 231 -7.47 -3.02 -17.94
N GLY A 232 -8.38 -3.51 -17.09
CA GLY A 232 -9.38 -4.51 -17.48
C GLY A 232 -8.80 -5.71 -18.20
N ASP A 233 -7.76 -6.31 -17.61
CA ASP A 233 -7.02 -7.39 -18.23
C ASP A 233 -7.77 -8.73 -18.25
N GLY A 234 -8.70 -8.91 -17.32
CA GLY A 234 -9.57 -10.09 -17.31
C GLY A 234 -10.70 -9.94 -18.33
N THR A 235 -11.20 -8.72 -18.46
CA THR A 235 -12.24 -8.36 -19.42
C THR A 235 -11.76 -8.70 -20.83
N ALA A 236 -10.51 -8.36 -21.12
CA ALA A 236 -9.90 -8.63 -22.42
C ALA A 236 -9.63 -10.12 -22.61
N MET A 237 -9.21 -10.80 -21.55
CA MET A 237 -8.93 -12.23 -21.59
C MET A 237 -10.19 -13.04 -21.92
N VAL A 238 -11.29 -12.65 -21.29
CA VAL A 238 -12.61 -13.24 -21.54
C VAL A 238 -13.08 -12.91 -22.95
N THR A 239 -12.82 -11.68 -23.39
CA THR A 239 -13.17 -11.25 -24.75
C THR A 239 -12.43 -12.07 -25.81
N ARG A 240 -11.11 -12.20 -25.63
CA ARG A 240 -10.26 -12.95 -26.57
C ARG A 240 -10.64 -14.42 -26.70
N ALA A 241 -11.29 -14.96 -25.66
CA ALA A 241 -11.78 -16.33 -25.68
C ALA A 241 -13.12 -16.45 -26.42
N GLY A 242 -13.67 -15.31 -26.81
CA GLY A 242 -14.93 -15.28 -27.57
C GLY A 242 -16.16 -15.22 -26.69
N LEU A 243 -15.94 -15.12 -25.38
CA LEU A 243 -17.03 -15.07 -24.41
C LEU A 243 -17.60 -13.65 -24.32
N PRO A 244 -18.91 -13.53 -24.02
CA PRO A 244 -19.52 -12.21 -23.98
C PRO A 244 -19.10 -11.41 -22.75
N CYS A 245 -19.12 -10.09 -22.89
CA CYS A 245 -19.02 -9.19 -21.75
C CYS A 245 -20.36 -8.48 -21.60
N GLN A 246 -20.57 -7.85 -20.45
CA GLN A 246 -21.88 -7.31 -20.12
C GLN A 246 -21.80 -5.86 -19.67
N ASP A 247 -22.81 -5.09 -20.06
CA ASP A 247 -23.04 -3.72 -19.56
C ASP A 247 -21.82 -2.81 -19.51
N LEU A 248 -20.92 -2.95 -20.48
CA LEU A 248 -19.67 -2.21 -20.48
C LEU A 248 -19.84 -0.71 -20.74
N GLU A 249 -20.99 -0.32 -21.28
CA GLU A 249 -21.29 1.08 -21.55
C GLU A 249 -21.62 1.86 -20.27
N PHE A 250 -21.97 1.13 -19.21
CA PHE A 250 -22.28 1.73 -17.93
C PHE A 250 -21.01 2.01 -17.13
N VAL A 251 -20.61 3.27 -17.11
CA VAL A 251 -19.37 3.70 -16.45
C VAL A 251 -19.68 4.74 -15.36
N GLN A 252 -19.39 4.36 -14.11
CA GLN A 252 -19.63 5.21 -12.95
C GLN A 252 -18.79 6.48 -12.97
N PHE A 253 -19.46 7.62 -13.03
CA PHE A 253 -18.81 8.91 -12.90
C PHE A 253 -18.99 9.41 -11.48
N HIS A 254 -17.95 9.21 -10.65
CA HIS A 254 -17.99 9.68 -9.27
C HIS A 254 -18.01 11.20 -9.22
N PRO A 255 -18.97 11.78 -8.49
CA PRO A 255 -19.15 13.22 -8.41
C PRO A 255 -17.91 13.99 -7.94
N THR A 256 -17.24 13.50 -6.92
CA THR A 256 -16.19 14.27 -6.23
C THR A 256 -14.77 13.73 -6.41
N GLY A 257 -14.20 13.96 -7.59
CA GLY A 257 -12.79 13.69 -7.84
C GLY A 257 -12.03 15.01 -7.92
N ILE A 258 -10.83 15.05 -7.36
CA ILE A 258 -10.04 16.29 -7.29
C ILE A 258 -9.70 16.84 -8.68
N TYR A 259 -9.70 18.16 -8.82
CA TYR A 259 -9.55 18.82 -10.13
C TYR A 259 -8.19 18.55 -10.79
N GLY A 260 -7.15 18.38 -9.98
CA GLY A 260 -5.80 18.15 -10.48
C GLY A 260 -5.58 16.76 -11.06
N ALA A 261 -4.96 15.88 -10.28
CA ALA A 261 -4.58 14.53 -10.74
C ALA A 261 -5.78 13.59 -10.89
N GLY A 262 -6.95 14.04 -10.47
CA GLY A 262 -8.18 13.26 -10.61
C GLY A 262 -8.44 12.31 -9.45
N CYS A 263 -7.66 12.47 -8.37
CA CYS A 263 -7.76 11.62 -7.18
C CYS A 263 -9.14 11.69 -6.55
N LEU A 264 -9.54 10.59 -5.90
CA LEU A 264 -10.88 10.51 -5.32
C LEU A 264 -10.96 11.17 -3.95
N ILE A 265 -11.99 11.99 -3.77
CA ILE A 265 -12.35 12.51 -2.47
C ILE A 265 -13.69 11.90 -2.09
N THR A 266 -13.68 11.12 -1.00
CA THR A 266 -14.80 10.24 -0.62
C THR A 266 -16.19 10.87 -0.58
N GLU A 267 -17.20 10.07 -0.92
CA GLU A 267 -18.61 10.44 -0.77
C GLU A 267 -18.97 10.50 0.71
N GLY A 268 -18.11 9.89 1.54
CA GLY A 268 -18.20 10.00 2.99
C GLY A 268 -18.14 11.44 3.48
N CYS A 269 -17.47 12.30 2.72
CA CYS A 269 -17.45 13.74 2.99
C CYS A 269 -18.89 14.29 3.02
N ARG A 270 -19.65 13.92 2.00
CA ARG A 270 -21.07 14.29 1.90
C ARG A 270 -21.93 13.54 2.92
N GLY A 271 -21.50 12.34 3.29
CA GLY A 271 -22.17 11.55 4.32
C GLY A 271 -21.96 12.05 5.74
N GLU A 272 -20.91 12.86 5.94
CA GLU A 272 -20.63 13.45 7.24
C GLU A 272 -21.14 14.90 7.32
N GLY A 273 -21.75 15.38 6.23
CA GLY A 273 -22.34 16.71 6.18
C GLY A 273 -21.73 17.67 5.17
N GLY A 274 -20.99 17.11 4.21
CA GLY A 274 -20.33 17.91 3.17
C GLY A 274 -21.31 18.45 2.16
N ILE A 275 -20.98 19.60 1.58
CA ILE A 275 -21.87 20.33 0.67
C ILE A 275 -21.21 20.59 -0.68
N LEU A 276 -21.99 20.48 -1.76
CA LEU A 276 -21.51 20.86 -3.10
C LEU A 276 -22.01 22.24 -3.50
N ILE A 277 -21.10 23.09 -3.99
CA ILE A 277 -21.39 24.51 -4.25
C ILE A 277 -20.82 25.00 -5.59
N ASN A 278 -21.59 25.82 -6.29
CA ASN A 278 -21.14 26.51 -7.51
C ASN A 278 -20.62 27.93 -7.27
N SER A 279 -20.36 28.68 -8.33
CA SER A 279 -19.78 30.03 -8.25
C SER A 279 -20.64 31.06 -7.52
N GLN A 280 -21.97 30.88 -7.58
CA GLN A 280 -22.91 31.83 -6.98
C GLN A 280 -22.97 31.72 -5.45
N GLY A 281 -22.66 30.53 -4.93
CA GLY A 281 -22.69 30.30 -3.48
C GLY A 281 -23.82 29.38 -3.04
N GLU A 282 -24.89 29.38 -3.82
CA GLU A 282 -26.09 28.58 -3.55
C GLU A 282 -25.84 27.07 -3.67
N ARG A 283 -26.31 26.32 -2.66
CA ARG A 283 -26.22 24.85 -2.65
C ARG A 283 -27.10 24.26 -3.75
N PHE A 284 -26.49 24.00 -4.91
CA PHE A 284 -27.24 23.62 -6.12
C PHE A 284 -27.93 22.26 -6.04
N MET A 285 -27.39 21.36 -5.22
CA MET A 285 -27.93 20.01 -5.08
C MET A 285 -29.29 19.97 -4.36
N GLU A 286 -29.73 21.11 -3.86
CA GLU A 286 -31.03 21.23 -3.21
C GLU A 286 -32.15 21.42 -4.23
N ARG A 287 -31.78 21.93 -5.42
CA ARG A 287 -32.74 22.16 -6.50
C ARG A 287 -32.92 20.92 -7.36
N TYR A 288 -31.83 20.22 -7.64
CA TYR A 288 -31.84 19.00 -8.46
C TYR A 288 -32.51 17.83 -7.74
N ALA A 289 -32.06 17.55 -6.52
CA ALA A 289 -32.69 16.54 -5.68
C ALA A 289 -33.31 17.23 -4.45
N PRO A 290 -34.65 17.34 -4.43
CA PRO A 290 -35.33 18.00 -3.32
C PRO A 290 -35.17 17.30 -1.97
N VAL A 291 -35.32 15.96 -1.94
CA VAL A 291 -35.31 15.22 -0.69
C VAL A 291 -33.90 14.86 -0.21
N ALA A 292 -33.21 14.02 -0.98
CA ALA A 292 -31.90 13.47 -0.59
C ALA A 292 -30.74 14.44 -0.78
N LYS A 293 -30.92 15.42 -1.65
CA LYS A 293 -29.91 16.46 -1.95
C LYS A 293 -28.59 15.86 -2.45
N ASP A 294 -27.46 16.37 -1.97
CA ASP A 294 -26.14 15.90 -2.39
C ASP A 294 -25.77 14.50 -1.86
N LEU A 295 -26.71 13.88 -1.15
CA LEU A 295 -26.54 12.50 -0.67
C LEU A 295 -27.47 11.57 -1.47
N ALA A 296 -27.56 11.84 -2.76
CA ALA A 296 -28.39 11.07 -3.69
C ALA A 296 -27.53 10.15 -4.55
N SER A 297 -28.14 9.52 -5.55
CA SER A 297 -27.46 8.63 -6.49
C SER A 297 -26.22 9.25 -7.09
N ARG A 298 -25.23 8.40 -7.36
CA ARG A 298 -23.95 8.83 -7.92
C ARG A 298 -24.10 9.44 -9.30
N ASP A 299 -24.98 8.87 -10.11
CA ASP A 299 -25.20 9.30 -11.49
C ASP A 299 -25.98 10.62 -11.57
N VAL A 300 -26.86 10.84 -10.58
CA VAL A 300 -27.73 12.03 -10.55
C VAL A 300 -26.98 13.26 -10.04
N VAL A 301 -26.11 13.06 -9.05
CA VAL A 301 -25.29 14.15 -8.49
C VAL A 301 -24.28 14.65 -9.53
N SER A 302 -23.54 13.72 -10.13
CA SER A 302 -22.53 14.06 -11.13
C SER A 302 -23.16 14.60 -12.43
N ARG A 303 -24.42 14.28 -12.66
CA ARG A 303 -25.19 14.82 -13.78
C ARG A 303 -25.45 16.30 -13.56
N SER A 304 -25.82 16.63 -12.32
CA SER A 304 -26.10 18.01 -11.91
C SER A 304 -24.83 18.86 -11.95
N MET A 305 -23.72 18.25 -11.55
CA MET A 305 -22.41 18.91 -11.55
C MET A 305 -22.00 19.30 -12.96
N THR A 306 -22.05 18.33 -13.88
CA THR A 306 -21.70 18.53 -15.28
C THR A 306 -22.64 19.55 -15.95
N LEU A 307 -23.88 19.61 -15.47
CA LEU A 307 -24.90 20.52 -16.01
C LEU A 307 -24.70 21.96 -15.56
N GLU A 308 -24.18 22.13 -14.35
CA GLU A 308 -23.86 23.47 -13.82
C GLU A 308 -22.65 24.07 -14.53
N ILE A 309 -21.70 23.22 -14.93
CA ILE A 309 -20.53 23.62 -15.72
C ILE A 309 -20.98 24.04 -17.12
N ARG A 310 -21.83 23.23 -17.73
CA ARG A 310 -22.44 23.52 -19.04
C ARG A 310 -22.99 24.94 -19.11
N GLU A 311 -23.66 25.36 -18.04
CA GLU A 311 -24.44 26.58 -18.03
C GLU A 311 -23.72 27.78 -17.39
N GLY A 312 -22.39 27.76 -17.44
CA GLY A 312 -21.58 28.90 -17.03
C GLY A 312 -21.22 29.00 -15.56
N ARG A 313 -21.93 28.24 -14.72
CA ARG A 313 -21.70 28.27 -13.28
C ARG A 313 -20.54 27.36 -12.85
N GLY A 314 -19.33 27.72 -13.29
CA GLY A 314 -18.11 26.99 -12.92
C GLY A 314 -17.59 27.40 -11.56
N CYS A 315 -16.27 27.37 -11.39
CA CYS A 315 -15.65 27.78 -10.13
C CYS A 315 -14.31 28.52 -10.27
N GLY A 316 -13.32 27.86 -10.86
CA GLY A 316 -11.97 28.40 -10.95
C GLY A 316 -11.78 29.49 -12.00
N PRO A 317 -10.53 29.65 -12.49
CA PRO A 317 -10.23 30.64 -13.54
C PRO A 317 -10.77 30.21 -14.91
N GLU A 318 -10.94 28.90 -15.10
CA GLU A 318 -11.48 28.34 -16.33
C GLU A 318 -12.99 28.13 -16.22
N LYS A 319 -13.50 28.22 -14.99
CA LYS A 319 -14.90 27.93 -14.66
C LYS A 319 -15.34 26.58 -15.26
N ASP A 320 -14.70 25.51 -14.78
CA ASP A 320 -14.93 24.17 -15.32
C ASP A 320 -15.02 23.08 -14.24
N HIS A 321 -15.06 23.49 -12.98
CA HIS A 321 -15.26 22.55 -11.87
C HIS A 321 -16.25 23.07 -10.82
N VAL A 322 -16.41 22.31 -9.73
CA VAL A 322 -17.34 22.64 -8.66
C VAL A 322 -16.62 22.50 -7.31
N TYR A 323 -17.20 23.05 -6.24
CA TYR A 323 -16.61 22.98 -4.91
C TYR A 323 -17.27 21.95 -3.97
N LEU A 324 -16.43 21.31 -3.15
CA LEU A 324 -16.90 20.52 -2.02
C LEU A 324 -16.50 21.26 -0.75
N GLN A 325 -17.49 21.75 -0.02
CA GLN A 325 -17.25 22.59 1.17
C GLN A 325 -17.13 21.75 2.44
N LEU A 326 -16.20 22.15 3.30
CA LEU A 326 -16.00 21.47 4.58
C LEU A 326 -15.72 22.41 5.77
N HIS A 327 -15.86 23.73 5.55
CA HIS A 327 -15.56 24.72 6.59
C HIS A 327 -16.45 24.59 7.82
N HIS A 328 -17.76 24.41 7.59
CA HIS A 328 -18.76 24.40 8.65
C HIS A 328 -18.67 23.21 9.60
N LEU A 329 -18.11 22.10 9.12
CA LEU A 329 -17.90 20.91 9.95
C LEU A 329 -16.81 21.17 10.99
N PRO A 330 -17.08 20.78 12.26
CA PRO A 330 -16.08 20.92 13.33
C PRO A 330 -14.77 20.21 12.99
N PRO A 331 -13.62 20.88 13.26
CA PRO A 331 -12.30 20.38 12.89
C PRO A 331 -12.01 18.94 13.35
N GLU A 332 -12.46 18.60 14.55
CA GLU A 332 -12.24 17.27 15.13
C GLU A 332 -12.93 16.15 14.34
N GLN A 333 -14.07 16.48 13.73
CA GLN A 333 -14.80 15.54 12.89
C GLN A 333 -13.99 15.24 11.62
N LEU A 334 -13.38 16.30 11.05
CA LEU A 334 -12.54 16.16 9.86
C LEU A 334 -11.28 15.33 10.15
N ALA A 335 -10.79 15.40 11.38
CA ALA A 335 -9.58 14.68 11.78
C ALA A 335 -9.84 13.22 12.10
N VAL A 336 -11.00 12.94 12.67
CA VAL A 336 -11.38 11.57 13.05
C VAL A 336 -12.01 10.83 11.87
N ARG A 337 -12.95 11.49 11.19
CA ARG A 337 -13.73 10.86 10.12
C ARG A 337 -13.03 10.86 8.76
N LEU A 338 -12.38 11.97 8.42
CA LEU A 338 -11.79 12.12 7.08
C LEU A 338 -10.33 12.62 7.06
N PRO A 339 -9.42 11.94 7.79
CA PRO A 339 -8.02 12.39 7.73
C PRO A 339 -7.33 12.04 6.41
N GLY A 340 -7.85 11.02 5.72
CA GLY A 340 -7.29 10.57 4.45
C GLY A 340 -7.35 11.63 3.36
N ILE A 341 -8.56 12.16 3.13
CA ILE A 341 -8.74 13.24 2.16
C ILE A 341 -8.06 14.52 2.62
N SER A 342 -8.11 14.77 3.93
CA SER A 342 -7.51 15.96 4.54
C SER A 342 -6.07 16.16 4.08
N GLU A 343 -5.33 15.05 4.02
CA GLU A 343 -3.95 15.09 3.59
C GLU A 343 -3.83 15.23 2.07
N THR A 344 -4.59 14.42 1.33
CA THR A 344 -4.50 14.39 -0.13
C THR A 344 -5.11 15.60 -0.84
N ALA A 345 -5.99 16.32 -0.14
CA ALA A 345 -6.53 17.59 -0.66
C ALA A 345 -5.50 18.70 -0.54
N MET A 346 -4.72 18.66 0.55
CA MET A 346 -3.61 19.58 0.77
C MET A 346 -2.43 19.25 -0.14
N ILE A 347 -2.15 17.96 -0.33
CA ILE A 347 -1.03 17.52 -1.15
C ILE A 347 -1.21 17.89 -2.63
N PHE A 348 -2.37 17.59 -3.19
CA PHE A 348 -2.61 17.74 -4.62
C PHE A 348 -3.18 19.10 -5.03
N ALA A 349 -4.19 19.57 -4.30
CA ALA A 349 -4.82 20.85 -4.60
C ALA A 349 -4.33 21.99 -3.73
N GLY A 350 -3.45 21.67 -2.77
CA GLY A 350 -2.89 22.67 -1.85
C GLY A 350 -3.95 23.31 -0.97
N VAL A 351 -4.97 22.54 -0.64
CA VAL A 351 -6.15 23.06 0.06
C VAL A 351 -6.21 22.62 1.53
N ASP A 352 -6.20 23.61 2.42
CA ASP A 352 -6.42 23.38 3.84
C ASP A 352 -7.91 23.11 4.06
N VAL A 353 -8.25 21.82 4.11
CA VAL A 353 -9.64 21.35 4.25
C VAL A 353 -10.46 22.11 5.29
N THR A 354 -9.85 22.41 6.43
CA THR A 354 -10.53 23.05 7.55
C THR A 354 -10.90 24.52 7.29
N LYS A 355 -10.29 25.12 6.27
CA LYS A 355 -10.52 26.53 5.94
C LYS A 355 -11.11 26.76 4.55
N GLU A 356 -10.65 25.98 3.57
CA GLU A 356 -11.04 26.18 2.16
C GLU A 356 -11.79 24.96 1.57
N PRO A 357 -12.57 25.18 0.49
CA PRO A 357 -13.27 24.07 -0.15
C PRO A 357 -12.40 23.39 -1.22
N ILE A 358 -12.75 22.15 -1.56
CA ILE A 358 -11.98 21.37 -2.54
C ILE A 358 -12.57 21.51 -3.94
N PRO A 359 -11.72 21.81 -4.94
CA PRO A 359 -12.15 21.80 -6.34
C PRO A 359 -12.43 20.37 -6.83
N VAL A 360 -13.71 20.03 -6.91
CA VAL A 360 -14.15 18.69 -7.32
C VAL A 360 -14.79 18.67 -8.71
N LEU A 361 -14.66 17.53 -9.38
CA LEU A 361 -15.18 17.34 -10.72
C LEU A 361 -15.55 15.87 -10.90
N PRO A 362 -16.72 15.59 -11.52
CA PRO A 362 -17.12 14.22 -11.82
C PRO A 362 -16.11 13.51 -12.73
N THR A 363 -15.49 12.46 -12.21
CA THR A 363 -14.50 11.69 -12.98
C THR A 363 -14.83 10.19 -12.99
N VAL A 364 -14.33 9.49 -14.01
CA VAL A 364 -14.51 8.04 -14.14
C VAL A 364 -14.03 7.31 -12.89
N HIS A 365 -14.87 6.40 -12.39
CA HIS A 365 -14.63 5.79 -11.10
C HIS A 365 -14.73 4.27 -11.12
N TYR A 366 -15.93 3.75 -11.37
CA TYR A 366 -16.21 2.33 -11.22
C TYR A 366 -16.84 1.73 -12.47
N ASN A 367 -16.42 0.52 -12.84
CA ASN A 367 -17.03 -0.21 -13.95
C ASN A 367 -18.01 -1.28 -13.46
N MET A 368 -19.31 -0.98 -13.57
CA MET A 368 -20.35 -1.96 -13.22
C MET A 368 -20.50 -3.02 -14.28
N GLY A 369 -20.05 -2.71 -15.49
CA GLY A 369 -19.94 -3.70 -16.55
C GLY A 369 -18.80 -4.67 -16.28
N GLY A 370 -18.83 -5.81 -16.95
CA GLY A 370 -17.78 -6.82 -16.81
C GLY A 370 -18.16 -8.17 -17.37
N ILE A 371 -17.70 -9.22 -16.69
CA ILE A 371 -17.94 -10.59 -17.14
C ILE A 371 -19.27 -11.11 -16.59
N PRO A 372 -20.22 -11.51 -17.47
CA PRO A 372 -21.53 -12.02 -17.06
C PRO A 372 -21.41 -13.15 -16.06
N THR A 373 -22.18 -13.08 -14.97
CA THR A 373 -21.97 -13.95 -13.82
C THR A 373 -23.28 -14.39 -13.17
N ASN A 374 -23.27 -15.62 -12.67
CA ASN A 374 -24.27 -16.13 -11.73
C ASN A 374 -24.28 -15.35 -10.42
N TYR A 375 -25.29 -15.58 -9.59
CA TYR A 375 -25.23 -15.16 -8.20
C TYR A 375 -24.25 -16.06 -7.45
N LYS A 376 -23.86 -17.17 -8.09
CA LYS A 376 -22.92 -18.14 -7.53
C LYS A 376 -21.49 -17.93 -8.03
N GLY A 377 -21.28 -16.92 -8.87
CA GLY A 377 -19.94 -16.61 -9.36
C GLY A 377 -19.58 -17.24 -10.69
N GLN A 378 -20.44 -18.12 -11.19
CA GLN A 378 -20.19 -18.85 -12.43
C GLN A 378 -20.34 -17.94 -13.66
N VAL A 379 -19.30 -17.92 -14.50
CA VAL A 379 -19.29 -17.09 -15.71
C VAL A 379 -20.26 -17.64 -16.75
N LEU A 380 -21.12 -16.76 -17.27
CA LEU A 380 -22.16 -17.17 -18.21
C LEU A 380 -21.82 -16.78 -19.64
N ARG A 381 -22.04 -17.71 -20.56
CA ARG A 381 -22.05 -17.41 -21.99
C ARG A 381 -23.51 -17.36 -22.46
N HIS A 382 -23.75 -16.81 -23.64
CA HIS A 382 -25.13 -16.64 -24.12
C HIS A 382 -25.39 -17.43 -25.41
N VAL A 383 -26.07 -18.56 -25.24
CA VAL A 383 -26.37 -19.46 -26.36
C VAL A 383 -27.86 -19.59 -26.56
N ASN A 384 -28.30 -19.37 -27.81
CA ASN A 384 -29.69 -19.51 -28.22
C ASN A 384 -30.65 -18.74 -27.30
N GLY A 385 -30.35 -17.45 -27.11
CA GLY A 385 -31.17 -16.57 -26.27
C GLY A 385 -31.21 -16.94 -24.80
N GLN A 386 -30.47 -17.98 -24.43
CA GLN A 386 -30.52 -18.54 -23.08
C GLN A 386 -29.17 -18.52 -22.40
N ASP A 387 -29.19 -18.52 -21.06
CA ASP A 387 -27.97 -18.58 -20.26
C ASP A 387 -27.35 -19.97 -20.25
N GLN A 388 -26.01 -20.00 -20.15
CA GLN A 388 -25.25 -21.25 -20.14
C GLN A 388 -23.96 -21.07 -19.34
N VAL A 389 -23.73 -21.98 -18.41
CA VAL A 389 -22.58 -21.90 -17.51
C VAL A 389 -21.31 -22.35 -18.21
N VAL A 390 -20.33 -21.46 -18.27
CA VAL A 390 -19.00 -21.79 -18.78
C VAL A 390 -18.29 -22.66 -17.73
N PRO A 391 -17.91 -23.90 -18.12
CA PRO A 391 -17.27 -24.83 -17.20
C PRO A 391 -15.90 -24.35 -16.70
N GLY A 392 -15.71 -24.41 -15.38
CA GLY A 392 -14.45 -24.09 -14.74
C GLY A 392 -14.03 -22.64 -14.80
N LEU A 393 -15.00 -21.74 -14.97
CA LEU A 393 -14.71 -20.31 -15.06
C LEU A 393 -15.59 -19.49 -14.14
N TYR A 394 -14.96 -18.78 -13.22
CA TYR A 394 -15.64 -17.91 -12.28
C TYR A 394 -15.04 -16.52 -12.37
N ALA A 395 -15.81 -15.51 -11.99
CA ALA A 395 -15.31 -14.13 -11.92
C ALA A 395 -16.01 -13.38 -10.80
N CYS A 396 -15.27 -12.52 -10.10
CA CYS A 396 -15.85 -11.72 -9.02
C CYS A 396 -15.25 -10.31 -8.90
N GLY A 397 -15.94 -9.44 -8.17
CA GLY A 397 -15.49 -8.07 -7.96
C GLY A 397 -15.90 -7.10 -9.05
N GLU A 398 -15.03 -6.14 -9.35
CA GLU A 398 -15.29 -5.12 -10.37
C GLU A 398 -15.15 -5.71 -11.78
N ALA A 399 -14.30 -6.73 -11.89
CA ALA A 399 -14.07 -7.43 -13.15
C ALA A 399 -15.33 -8.18 -13.61
N ALA A 400 -16.12 -8.64 -12.64
CA ALA A 400 -17.33 -9.41 -12.93
C ALA A 400 -18.53 -8.51 -13.17
N CYS A 401 -19.63 -9.15 -13.52
CA CYS A 401 -20.93 -8.51 -13.63
C CYS A 401 -22.00 -9.58 -13.40
N ALA A 402 -22.30 -9.83 -12.14
CA ALA A 402 -23.53 -10.52 -11.77
C ALA A 402 -24.62 -9.47 -11.85
N SER A 403 -24.18 -8.26 -12.19
CA SER A 403 -24.96 -7.02 -12.15
C SER A 403 -25.79 -6.90 -10.87
N VAL A 404 -25.06 -6.83 -9.77
CA VAL A 404 -25.58 -6.44 -8.48
C VAL A 404 -25.80 -4.93 -8.48
N HIS A 405 -25.05 -4.24 -9.35
CA HIS A 405 -25.05 -2.79 -9.40
C HIS A 405 -25.86 -2.21 -10.57
N GLY A 406 -26.05 -3.01 -11.62
CA GLY A 406 -26.89 -2.62 -12.75
C GLY A 406 -26.39 -1.43 -13.56
N ALA A 407 -27.23 -0.40 -13.65
CA ALA A 407 -26.93 0.80 -14.44
C ALA A 407 -26.23 1.89 -13.62
N ASN A 408 -26.18 1.69 -12.30
CA ASN A 408 -25.53 2.63 -11.39
C ASN A 408 -25.20 1.98 -10.04
N ARG A 409 -23.91 1.91 -9.72
CA ARG A 409 -23.49 1.34 -8.44
C ARG A 409 -23.76 2.30 -7.29
N LEU A 410 -24.40 1.78 -6.26
CA LEU A 410 -24.63 2.50 -5.03
C LEU A 410 -23.31 2.57 -4.26
N GLY A 411 -23.03 3.72 -3.65
CA GLY A 411 -21.79 3.91 -2.88
C GLY A 411 -21.58 2.90 -1.78
N ALA A 412 -20.31 2.53 -1.57
CA ALA A 412 -19.91 1.59 -0.52
C ALA A 412 -20.47 0.17 -0.69
N ASN A 413 -20.77 -0.20 -1.95
CA ASN A 413 -21.30 -1.52 -2.26
C ASN A 413 -20.32 -2.46 -2.97
N SER A 414 -19.31 -1.90 -3.62
CA SER A 414 -18.33 -2.74 -4.32
C SER A 414 -17.37 -3.45 -3.38
N LEU A 415 -16.89 -2.75 -2.35
CA LEU A 415 -16.10 -3.41 -1.31
C LEU A 415 -16.89 -4.56 -0.70
N LEU A 416 -18.22 -4.37 -0.61
CA LEU A 416 -19.13 -5.43 -0.22
C LEU A 416 -19.17 -6.53 -1.28
N ASP A 417 -19.47 -6.14 -2.52
CA ASP A 417 -19.45 -7.01 -3.68
C ASP A 417 -18.19 -7.89 -3.71
N LEU A 418 -17.05 -7.27 -3.43
CA LEU A 418 -15.76 -7.95 -3.37
C LEU A 418 -15.76 -9.16 -2.44
N VAL A 419 -16.06 -8.89 -1.16
CA VAL A 419 -15.98 -9.89 -0.10
C VAL A 419 -17.06 -10.96 -0.24
N VAL A 420 -18.29 -10.53 -0.51
CA VAL A 420 -19.42 -11.46 -0.64
C VAL A 420 -19.19 -12.47 -1.77
N PHE A 421 -18.81 -11.96 -2.94
CA PHE A 421 -18.73 -12.80 -4.15
C PHE A 421 -17.41 -13.52 -4.34
N GLY A 422 -16.34 -13.01 -3.73
CA GLY A 422 -15.10 -13.77 -3.62
C GLY A 422 -15.40 -15.05 -2.87
N ARG A 423 -16.04 -14.90 -1.71
CA ARG A 423 -16.55 -15.99 -0.88
C ARG A 423 -17.48 -16.91 -1.67
N ALA A 424 -18.33 -16.30 -2.51
CA ALA A 424 -19.26 -17.05 -3.34
C ALA A 424 -18.52 -17.99 -4.28
N CYS A 425 -17.55 -17.45 -5.03
CA CYS A 425 -16.76 -18.25 -5.97
C CYS A 425 -16.12 -19.45 -5.28
N ALA A 426 -15.55 -19.21 -4.09
CA ALA A 426 -14.93 -20.25 -3.28
C ALA A 426 -15.92 -21.36 -2.90
N LEU A 427 -17.06 -20.96 -2.34
CA LEU A 427 -18.09 -21.91 -1.91
C LEU A 427 -18.79 -22.59 -3.07
N SER A 428 -18.86 -21.89 -4.20
CA SER A 428 -19.49 -22.42 -5.41
C SER A 428 -18.65 -23.51 -6.05
N ILE A 429 -17.33 -23.41 -5.87
CA ILE A 429 -16.39 -24.46 -6.29
C ILE A 429 -16.37 -25.60 -5.27
N ALA A 430 -16.15 -25.24 -4.01
CA ALA A 430 -16.04 -26.20 -2.90
C ALA A 430 -17.26 -27.11 -2.75
N GLU A 431 -18.35 -26.75 -3.43
CA GLU A 431 -19.58 -27.53 -3.36
C GLU A 431 -20.06 -28.03 -4.73
N SER A 432 -19.16 -27.96 -5.71
CA SER A 432 -19.43 -28.55 -7.03
C SER A 432 -18.46 -29.70 -7.32
N CYS A 433 -17.23 -29.56 -6.82
CA CYS A 433 -16.21 -30.60 -6.95
C CYS A 433 -15.38 -30.73 -5.67
N ARG A 434 -14.48 -31.71 -5.64
CA ARG A 434 -13.61 -31.95 -4.49
C ARG A 434 -12.13 -31.76 -4.88
N PRO A 435 -11.28 -31.38 -3.91
CA PRO A 435 -9.85 -31.24 -4.24
C PRO A 435 -9.20 -32.61 -4.46
N GLY A 436 -8.27 -32.67 -5.39
CA GLY A 436 -7.65 -33.93 -5.78
C GLY A 436 -8.40 -34.60 -6.92
N ASP A 437 -9.38 -33.89 -7.49
CA ASP A 437 -10.08 -34.33 -8.68
C ASP A 437 -9.20 -34.18 -9.91
N LYS A 438 -9.55 -34.87 -11.00
CA LYS A 438 -8.80 -34.82 -12.24
C LYS A 438 -8.65 -33.38 -12.75
N VAL A 439 -7.40 -32.92 -12.81
CA VAL A 439 -7.07 -31.63 -13.37
C VAL A 439 -6.97 -31.78 -14.89
N PRO A 440 -7.94 -31.20 -15.62
CA PRO A 440 -8.10 -31.47 -17.05
C PRO A 440 -6.85 -31.13 -17.86
N SER A 441 -6.34 -32.10 -18.61
CA SER A 441 -5.11 -31.94 -19.38
C SER A 441 -5.27 -31.00 -20.57
N ILE A 442 -4.17 -30.36 -20.94
CA ILE A 442 -4.18 -29.35 -22.00
C ILE A 442 -3.15 -29.70 -23.09
N LYS A 443 -3.43 -29.26 -24.33
CA LYS A 443 -2.57 -29.55 -25.48
C LYS A 443 -1.13 -29.02 -25.29
N PRO A 444 -0.14 -29.65 -25.95
CA PRO A 444 1.22 -29.14 -25.94
C PRO A 444 1.33 -27.79 -26.65
N ASN A 445 0.37 -27.50 -27.53
CA ASN A 445 0.31 -26.24 -28.25
C ASN A 445 -0.34 -25.11 -27.45
N ALA A 446 -1.19 -25.49 -26.49
CA ALA A 446 -2.08 -24.56 -25.77
C ALA A 446 -1.44 -23.25 -25.34
N GLY A 447 -2.16 -22.15 -25.59
CA GLY A 447 -1.70 -20.80 -25.27
C GLY A 447 -0.59 -20.32 -26.19
N GLU A 448 -0.58 -20.84 -27.41
CA GLU A 448 0.50 -20.58 -28.38
C GLU A 448 0.53 -19.12 -28.82
N GLU A 449 -0.64 -18.60 -29.19
CA GLU A 449 -0.74 -17.25 -29.75
C GLU A 449 -0.79 -16.15 -28.70
N SER A 450 -0.72 -16.54 -27.44
CA SER A 450 -0.51 -15.59 -26.34
C SER A 450 0.98 -15.30 -26.27
N VAL A 451 1.78 -16.35 -26.42
CA VAL A 451 3.23 -16.27 -26.45
C VAL A 451 3.69 -15.59 -27.74
N MET A 452 3.02 -15.90 -28.85
CA MET A 452 3.36 -15.32 -30.15
C MET A 452 2.93 -13.85 -30.24
N ASN A 453 1.92 -13.46 -29.47
CA ASN A 453 1.53 -12.07 -29.33
C ASN A 453 2.57 -11.31 -28.50
N LEU A 454 3.06 -11.97 -27.46
CA LEU A 454 4.10 -11.43 -26.58
C LEU A 454 5.38 -11.14 -27.36
N ASP A 455 5.74 -12.05 -28.26
CA ASP A 455 6.97 -11.94 -29.06
C ASP A 455 6.93 -10.76 -30.03
N LYS A 456 5.80 -10.57 -30.69
CA LYS A 456 5.65 -9.47 -31.64
C LYS A 456 5.69 -8.11 -30.95
N LEU A 457 5.00 -7.99 -29.81
CA LEU A 457 4.96 -6.75 -29.05
C LEU A 457 6.30 -6.40 -28.39
N ARG A 458 7.10 -7.44 -28.11
CA ARG A 458 8.42 -7.27 -27.50
C ARG A 458 9.41 -6.65 -28.48
N PHE A 459 9.31 -7.06 -29.75
CA PHE A 459 10.20 -6.58 -30.81
C PHE A 459 9.50 -5.61 -31.76
N ALA A 460 8.38 -5.03 -31.32
CA ALA A 460 7.53 -4.18 -32.17
C ALA A 460 8.24 -2.94 -32.70
N ASN A 461 8.80 -3.08 -33.91
CA ASN A 461 9.50 -2.00 -34.57
C ASN A 461 8.55 -1.24 -35.51
N GLY A 462 7.64 -0.47 -34.91
CA GLY A 462 6.61 0.25 -35.65
C GLY A 462 6.88 1.74 -35.82
N THR A 463 5.81 2.53 -35.79
CA THR A 463 5.91 3.99 -36.00
C THR A 463 5.13 4.82 -34.97
N ILE A 464 4.22 4.19 -34.23
CA ILE A 464 3.44 4.89 -33.20
C ILE A 464 3.80 4.39 -31.80
N ARG A 465 4.15 5.32 -30.91
CA ARG A 465 4.55 4.97 -29.54
C ARG A 465 3.38 4.45 -28.72
N THR A 466 3.67 3.50 -27.82
CA THR A 466 2.65 2.91 -26.94
C THR A 466 1.90 3.97 -26.14
N SER A 467 2.63 5.01 -25.71
CA SER A 467 2.06 6.10 -24.94
C SER A 467 1.19 7.03 -25.79
N GLU A 468 1.64 7.30 -27.01
CA GLU A 468 0.95 8.21 -27.92
C GLU A 468 -0.41 7.66 -28.36
N LEU A 469 -0.48 6.35 -28.58
CA LEU A 469 -1.72 5.68 -28.94
C LEU A 469 -2.65 5.54 -27.74
N ARG A 470 -2.07 5.39 -26.55
CA ARG A 470 -2.83 5.27 -25.30
C ARG A 470 -3.54 6.58 -24.96
N LEU A 471 -2.86 7.70 -25.16
CA LEU A 471 -3.44 9.02 -24.93
C LEU A 471 -4.56 9.30 -25.93
N SER A 472 -4.31 8.95 -27.20
CA SER A 472 -5.30 9.10 -28.25
C SER A 472 -6.60 8.35 -27.94
N MET A 473 -6.47 7.20 -27.29
CA MET A 473 -7.61 6.41 -26.86
C MET A 473 -8.29 7.04 -25.65
N GLN A 474 -7.50 7.59 -24.74
CA GLN A 474 -8.01 8.16 -23.49
C GLN A 474 -8.79 9.46 -23.70
N LYS A 475 -8.28 10.32 -24.59
CA LYS A 475 -8.96 11.58 -24.92
C LYS A 475 -10.23 11.35 -25.74
N SER A 476 -10.21 10.31 -26.59
CA SER A 476 -11.33 9.97 -27.45
C SER A 476 -12.54 9.47 -26.66
N MET A 477 -12.27 8.68 -25.63
CA MET A 477 -13.32 8.19 -24.75
C MET A 477 -13.82 9.31 -23.83
N GLN A 478 -12.91 10.19 -23.45
CA GLN A 478 -13.20 11.28 -22.51
C GLN A 478 -14.18 12.31 -23.10
N SER A 479 -14.08 12.53 -24.41
CA SER A 479 -14.88 13.55 -25.08
C SER A 479 -16.10 13.00 -25.84
N HIS A 480 -16.10 11.69 -26.10
CA HIS A 480 -17.18 11.06 -26.87
C HIS A 480 -18.10 10.15 -26.04
N ALA A 481 -17.59 9.64 -24.92
CA ALA A 481 -18.39 8.79 -24.03
C ALA A 481 -18.31 9.30 -22.59
N ALA A 482 -18.76 10.54 -22.38
CA ALA A 482 -18.71 11.16 -21.06
C ALA A 482 -20.03 11.00 -20.30
N VAL A 483 -20.31 11.92 -19.37
CA VAL A 483 -21.54 11.91 -18.57
C VAL A 483 -22.76 11.96 -19.49
N PHE A 484 -22.81 12.97 -20.35
CA PHE A 484 -23.82 13.07 -21.40
C PHE A 484 -23.22 12.64 -22.73
N ARG A 485 -24.00 11.94 -23.54
CA ARG A 485 -23.58 11.52 -24.87
C ARG A 485 -24.74 11.37 -25.84
N VAL A 486 -24.58 11.93 -27.04
CA VAL A 486 -25.60 11.87 -28.09
C VAL A 486 -25.22 10.85 -29.16
N GLY A 487 -26.18 10.53 -30.04
CA GLY A 487 -25.96 9.59 -31.14
C GLY A 487 -24.78 9.95 -32.02
N SER A 488 -24.82 11.13 -32.63
CA SER A 488 -23.78 11.60 -33.55
C SER A 488 -22.38 11.66 -32.93
N VAL A 489 -22.30 12.09 -31.67
CA VAL A 489 -21.01 12.18 -30.96
C VAL A 489 -20.48 10.78 -30.62
N LEU A 490 -21.36 9.89 -30.17
CA LEU A 490 -21.00 8.49 -29.90
C LEU A 490 -20.59 7.77 -31.18
N GLN A 491 -21.22 8.14 -32.29
CA GLN A 491 -20.89 7.58 -33.61
C GLN A 491 -19.46 7.89 -34.03
N GLU A 492 -19.07 9.16 -33.93
CA GLU A 492 -17.72 9.60 -34.28
C GLU A 492 -16.68 8.91 -33.40
N GLY A 493 -17.02 8.69 -32.13
CA GLY A 493 -16.14 8.00 -31.20
C GLY A 493 -15.93 6.53 -31.56
N CYS A 494 -16.90 5.94 -32.24
CA CYS A 494 -16.85 4.52 -32.64
C CYS A 494 -15.84 4.25 -33.76
N GLU A 495 -15.99 4.93 -34.89
CA GLU A 495 -15.05 4.75 -36.01
C GLU A 495 -13.69 5.40 -35.74
N LYS A 496 -13.64 6.26 -34.72
CA LYS A 496 -12.37 6.84 -34.27
C LYS A 496 -11.63 5.81 -33.44
N ILE A 497 -12.38 5.10 -32.60
CA ILE A 497 -11.83 4.06 -31.74
C ILE A 497 -11.47 2.81 -32.57
N LEU A 498 -12.25 2.57 -33.63
CA LEU A 498 -12.03 1.45 -34.53
C LEU A 498 -10.77 1.64 -35.36
N ARG A 499 -10.53 2.88 -35.78
CA ARG A 499 -9.31 3.27 -36.49
C ARG A 499 -8.08 3.05 -35.62
N LEU A 500 -8.23 3.35 -34.32
CA LEU A 500 -7.14 3.21 -33.36
C LEU A 500 -6.82 1.74 -33.05
N TYR A 501 -7.76 0.85 -33.35
CA TYR A 501 -7.53 -0.58 -33.22
C TYR A 501 -6.68 -1.07 -34.40
N GLY A 502 -6.88 -0.46 -35.56
CA GLY A 502 -6.01 -0.68 -36.72
C GLY A 502 -4.65 -0.09 -36.48
N ASP A 503 -4.58 0.93 -35.64
CA ASP A 503 -3.31 1.58 -35.28
C ASP A 503 -2.47 0.74 -34.31
N LEU A 504 -3.07 -0.28 -33.70
CA LEU A 504 -2.35 -1.23 -32.85
C LEU A 504 -1.36 -2.06 -33.65
N GLN A 505 -1.56 -2.11 -34.97
CA GLN A 505 -0.66 -2.81 -35.88
C GLN A 505 0.62 -2.00 -36.11
N HIS A 506 0.55 -0.70 -35.82
CA HIS A 506 1.63 0.23 -36.12
C HIS A 506 2.55 0.52 -34.92
N LEU A 507 2.20 0.02 -33.74
CA LEU A 507 2.88 0.45 -32.51
C LEU A 507 4.37 0.14 -32.43
N LYS A 508 5.12 1.09 -31.89
CA LYS A 508 6.56 0.98 -31.70
C LYS A 508 6.86 0.76 -30.21
N THR A 509 7.71 -0.21 -29.94
CA THR A 509 8.20 -0.47 -28.59
C THR A 509 9.73 -0.44 -28.60
N PHE A 510 10.32 0.11 -27.55
CA PHE A 510 11.77 0.34 -27.50
C PHE A 510 12.56 -0.70 -26.72
N ASP A 511 12.02 -1.16 -25.59
CA ASP A 511 12.72 -2.12 -24.73
C ASP A 511 12.67 -3.53 -25.33
N ARG A 512 13.85 -4.13 -25.52
CA ARG A 512 13.97 -5.48 -26.07
C ARG A 512 14.37 -6.51 -25.00
N GLY A 513 14.29 -6.11 -23.74
CA GLY A 513 14.72 -6.95 -22.62
C GLY A 513 13.69 -7.94 -22.13
N MET A 514 14.14 -8.91 -21.35
CA MET A 514 13.28 -9.93 -20.77
C MET A 514 12.85 -9.55 -19.35
N VAL A 515 13.83 -9.13 -18.54
CA VAL A 515 13.61 -8.79 -17.14
C VAL A 515 12.90 -7.44 -17.02
N TRP A 516 11.73 -7.46 -16.39
CA TRP A 516 10.94 -6.27 -16.09
C TRP A 516 10.75 -5.30 -17.26
N ASN A 517 10.32 -5.84 -18.40
CA ASN A 517 10.02 -5.02 -19.56
C ASN A 517 8.67 -4.32 -19.34
N THR A 518 8.72 -3.17 -18.67
CA THR A 518 7.50 -2.39 -18.40
C THR A 518 6.95 -1.74 -19.68
N ASP A 519 7.82 -1.55 -20.67
CA ASP A 519 7.41 -1.08 -21.98
C ASP A 519 6.49 -2.10 -22.63
N LEU A 520 6.82 -3.38 -22.44
CA LEU A 520 6.05 -4.49 -23.01
C LEU A 520 4.72 -4.75 -22.31
N VAL A 521 4.72 -4.74 -20.97
CA VAL A 521 3.51 -5.03 -20.21
C VAL A 521 2.44 -3.95 -20.36
N GLU A 522 2.88 -2.71 -20.54
CA GLU A 522 1.95 -1.61 -20.76
C GLU A 522 1.40 -1.63 -22.19
N THR A 523 2.12 -2.31 -23.08
CA THR A 523 1.65 -2.53 -24.45
C THR A 523 0.60 -3.65 -24.49
N LEU A 524 0.80 -4.69 -23.68
CA LEU A 524 -0.20 -5.74 -23.50
C LEU A 524 -1.45 -5.12 -22.89
N GLU A 525 -1.24 -4.22 -21.93
CA GLU A 525 -2.33 -3.51 -21.28
C GLU A 525 -3.12 -2.63 -22.24
N LEU A 526 -2.43 -2.11 -23.26
CA LEU A 526 -3.08 -1.27 -24.28
C LEU A 526 -4.05 -2.08 -25.13
N GLN A 527 -3.64 -3.26 -25.57
CA GLN A 527 -4.52 -4.20 -26.28
C GLN A 527 -5.75 -4.51 -25.42
N ASN A 528 -5.52 -4.71 -24.13
CA ASN A 528 -6.58 -4.95 -23.16
C ASN A 528 -7.53 -3.77 -23.02
N LEU A 529 -6.98 -2.57 -22.80
CA LEU A 529 -7.78 -1.36 -22.70
C LEU A 529 -8.61 -1.09 -23.95
N MET A 530 -8.00 -1.32 -25.12
CA MET A 530 -8.67 -1.12 -26.42
C MET A 530 -9.90 -2.00 -26.59
N LEU A 531 -9.77 -3.29 -26.26
CA LEU A 531 -10.89 -4.23 -26.31
C LEU A 531 -12.00 -3.84 -25.33
N CYS A 532 -11.61 -3.24 -24.21
CA CYS A 532 -12.58 -2.71 -23.25
C CYS A 532 -13.21 -1.43 -23.77
N ALA A 533 -12.42 -0.64 -24.49
CA ALA A 533 -12.90 0.63 -25.05
C ALA A 533 -13.91 0.42 -26.18
N LEU A 534 -13.59 -0.48 -27.11
CA LEU A 534 -14.47 -0.78 -28.25
C LEU A 534 -15.87 -1.21 -27.80
N GLN A 535 -15.92 -2.09 -26.81
CA GLN A 535 -17.19 -2.63 -26.32
C GLN A 535 -17.99 -1.61 -25.51
N THR A 536 -17.28 -0.67 -24.88
CA THR A 536 -17.92 0.42 -24.13
C THR A 536 -18.61 1.40 -25.08
N ILE A 537 -17.91 1.79 -26.15
CA ILE A 537 -18.37 2.84 -27.06
C ILE A 537 -19.48 2.39 -28.03
N TYR A 538 -19.34 1.17 -28.56
CA TYR A 538 -20.35 0.61 -29.46
C TYR A 538 -21.63 0.25 -28.73
N GLY A 539 -21.47 -0.35 -27.54
CA GLY A 539 -22.59 -0.70 -26.67
C GLY A 539 -23.39 0.51 -26.21
N ALA A 540 -22.70 1.61 -25.96
CA ALA A 540 -23.32 2.87 -25.55
C ALA A 540 -24.09 3.52 -26.68
N GLU A 541 -23.52 3.52 -27.88
CA GLU A 541 -24.15 4.17 -29.04
C GLU A 541 -25.41 3.44 -29.50
N ALA A 542 -25.43 2.12 -29.29
CA ALA A 542 -26.58 1.30 -29.67
C ALA A 542 -27.74 1.45 -28.69
N ARG A 543 -27.42 1.67 -27.41
CA ARG A 543 -28.42 1.84 -26.36
C ARG A 543 -29.09 3.20 -26.47
N LYS A 544 -30.36 3.19 -26.87
CA LYS A 544 -31.10 4.42 -27.14
C LYS A 544 -32.13 4.73 -26.05
N GLU A 545 -31.61 4.94 -24.84
CA GLU A 545 -32.40 5.28 -23.65
C GLU A 545 -31.51 5.98 -22.62
N SER A 546 -32.13 6.50 -21.55
CA SER A 546 -31.38 7.06 -20.42
C SER A 546 -31.69 6.28 -19.15
N ARG A 547 -30.68 5.55 -18.67
CA ARG A 547 -30.81 4.68 -17.51
C ARG A 547 -29.54 4.71 -16.68
N GLY A 548 -29.66 5.20 -15.45
CA GLY A 548 -28.53 5.26 -14.52
C GLY A 548 -27.39 6.13 -15.02
N ALA A 549 -26.19 5.55 -15.05
CA ALA A 549 -24.99 6.25 -15.50
C ALA A 549 -25.04 6.62 -16.98
N HIS A 550 -25.64 5.74 -17.79
CA HIS A 550 -25.82 5.99 -19.21
C HIS A 550 -26.96 6.98 -19.43
N ALA A 551 -26.61 8.17 -19.91
CA ALA A 551 -27.59 9.21 -20.17
C ALA A 551 -27.47 9.72 -21.59
N ARG A 552 -28.52 9.48 -22.38
CA ARG A 552 -28.58 9.97 -23.75
C ARG A 552 -29.38 11.27 -23.81
N GLU A 553 -28.83 12.25 -24.54
CA GLU A 553 -29.51 13.53 -24.74
C GLU A 553 -30.65 13.39 -25.75
N ASP A 554 -30.45 12.53 -26.75
CA ASP A 554 -31.44 12.28 -27.80
C ASP A 554 -32.55 11.31 -27.37
N PHE A 555 -32.27 10.51 -26.36
CA PHE A 555 -33.24 9.56 -25.81
C PHE A 555 -33.30 9.68 -24.29
N LYS A 556 -34.05 10.67 -23.83
CA LYS A 556 -34.14 11.01 -22.40
C LYS A 556 -34.94 9.98 -21.59
N GLU A 557 -35.81 9.25 -22.28
CA GLU A 557 -36.76 8.32 -21.65
C GLU A 557 -36.10 7.07 -21.06
N ARG A 558 -36.77 6.49 -20.08
CA ARG A 558 -36.37 5.22 -19.48
C ARG A 558 -37.25 4.13 -20.08
N VAL A 559 -36.70 3.41 -21.07
CA VAL A 559 -37.49 2.46 -21.87
C VAL A 559 -37.56 1.05 -21.24
N ASP A 560 -38.73 0.70 -20.72
CA ASP A 560 -38.97 -0.60 -20.08
C ASP A 560 -40.05 -1.38 -20.84
N GLU A 561 -40.44 -2.54 -20.29
CA GLU A 561 -41.51 -3.36 -20.88
C GLU A 561 -42.83 -2.57 -20.87
N TYR A 562 -43.13 -1.94 -19.74
CA TYR A 562 -44.28 -1.05 -19.62
C TYR A 562 -43.81 0.38 -19.34
N ASP A 563 -44.70 1.34 -19.57
CA ASP A 563 -44.50 2.70 -19.10
C ASP A 563 -44.91 2.72 -17.63
N TYR A 564 -43.92 2.49 -16.76
CA TYR A 564 -44.15 2.27 -15.33
C TYR A 564 -44.60 3.49 -14.52
N SER A 565 -44.73 4.63 -15.20
CA SER A 565 -45.24 5.85 -14.59
C SER A 565 -46.71 5.69 -14.23
N LYS A 566 -47.52 5.28 -15.22
CA LYS A 566 -48.92 4.92 -15.01
C LYS A 566 -49.04 3.43 -14.68
N PRO A 567 -49.98 3.06 -13.77
CA PRO A 567 -50.08 1.67 -13.30
C PRO A 567 -50.35 0.66 -14.41
N ILE A 568 -49.71 -0.49 -14.31
CA ILE A 568 -49.88 -1.57 -15.29
C ILE A 568 -51.18 -2.34 -15.06
N GLN A 569 -52.04 -2.36 -16.07
CA GLN A 569 -53.23 -3.21 -16.11
C GLN A 569 -53.66 -3.46 -17.55
N GLY A 570 -54.37 -2.48 -18.14
CA GLY A 570 -54.78 -2.56 -19.54
C GLY A 570 -53.64 -2.32 -20.51
N GLN A 571 -52.45 -2.07 -19.96
CA GLN A 571 -51.26 -1.81 -20.73
C GLN A 571 -50.70 -3.09 -21.35
N GLN A 572 -50.21 -2.97 -22.58
CA GLN A 572 -49.68 -4.11 -23.33
C GLN A 572 -48.15 -4.18 -23.26
N LYS A 573 -47.63 -5.39 -23.06
CA LYS A 573 -46.19 -5.64 -23.02
C LYS A 573 -45.48 -5.26 -24.32
N LYS A 574 -44.28 -4.73 -24.17
CA LYS A 574 -43.38 -4.53 -25.31
C LYS A 574 -42.51 -5.77 -25.46
N PRO A 575 -42.38 -6.29 -26.69
CA PRO A 575 -41.52 -7.44 -26.96
C PRO A 575 -40.08 -7.18 -26.55
N PHE A 576 -39.36 -8.25 -26.19
CA PHE A 576 -37.99 -8.16 -25.68
C PHE A 576 -37.09 -7.24 -26.50
N GLN A 577 -37.18 -7.36 -27.82
CA GLN A 577 -36.33 -6.60 -28.75
C GLN A 577 -36.92 -5.23 -29.13
N GLU A 578 -37.77 -4.68 -28.26
CA GLU A 578 -38.35 -3.35 -28.48
C GLU A 578 -38.05 -2.38 -27.33
N HIS A 579 -37.84 -2.91 -26.13
CA HIS A 579 -37.42 -2.09 -24.99
C HIS A 579 -35.93 -2.29 -24.66
N TRP A 580 -35.46 -1.63 -23.61
CA TRP A 580 -34.03 -1.65 -23.27
C TRP A 580 -33.73 -2.13 -21.84
N ARG A 581 -34.74 -2.66 -21.17
CA ARG A 581 -34.59 -3.17 -19.80
C ARG A 581 -33.95 -4.57 -19.82
N LYS A 582 -32.73 -4.62 -20.36
CA LYS A 582 -32.03 -5.86 -20.64
C LYS A 582 -30.51 -5.63 -20.63
N HIS A 583 -29.75 -6.70 -20.41
CA HIS A 583 -28.29 -6.61 -20.36
C HIS A 583 -27.67 -6.55 -21.75
N THR A 584 -26.74 -5.60 -21.93
CA THR A 584 -25.99 -5.49 -23.17
C THR A 584 -24.84 -6.47 -23.15
N LEU A 585 -24.83 -7.39 -24.10
CA LEU A 585 -23.75 -8.36 -24.24
C LEU A 585 -22.90 -8.03 -25.45
N SER A 586 -21.60 -7.93 -25.25
CA SER A 586 -20.68 -7.49 -26.31
C SER A 586 -19.61 -8.53 -26.64
N TYR A 587 -19.35 -8.66 -27.94
CA TYR A 587 -18.27 -9.51 -28.46
C TYR A 587 -17.36 -8.67 -29.36
N VAL A 588 -16.18 -9.19 -29.68
CA VAL A 588 -15.32 -8.58 -30.70
C VAL A 588 -14.36 -9.58 -31.35
N ASP A 589 -14.42 -9.63 -32.69
CA ASP A 589 -13.47 -10.40 -33.49
C ASP A 589 -12.11 -9.70 -33.39
N VAL A 590 -11.17 -10.36 -32.73
CA VAL A 590 -9.86 -9.80 -32.42
C VAL A 590 -9.10 -9.27 -33.66
N LYS A 591 -9.36 -9.87 -34.82
CA LYS A 591 -8.69 -9.49 -36.06
C LYS A 591 -9.17 -8.14 -36.62
N THR A 592 -10.44 -8.08 -37.02
CA THR A 592 -11.01 -6.88 -37.66
C THR A 592 -11.44 -5.82 -36.63
N GLY A 593 -11.55 -6.23 -35.36
CA GLY A 593 -11.95 -5.33 -34.29
C GLY A 593 -13.42 -4.93 -34.34
N LYS A 594 -14.25 -5.79 -34.92
CA LYS A 594 -15.68 -5.50 -35.06
C LYS A 594 -16.44 -5.90 -33.81
N VAL A 595 -17.30 -4.99 -33.34
CA VAL A 595 -18.14 -5.26 -32.18
C VAL A 595 -19.53 -5.71 -32.60
N SER A 596 -19.85 -6.97 -32.29
CA SER A 596 -21.20 -7.50 -32.47
C SER A 596 -21.85 -7.65 -31.10
N LEU A 597 -23.14 -7.34 -31.01
CA LEU A 597 -23.82 -7.33 -29.72
C LEU A 597 -25.24 -7.90 -29.73
N GLU A 598 -25.45 -8.92 -28.89
CA GLU A 598 -26.78 -9.45 -28.60
C GLU A 598 -27.16 -9.11 -27.15
N TYR A 599 -28.28 -9.64 -26.66
CA TYR A 599 -28.79 -9.28 -25.33
C TYR A 599 -29.35 -10.45 -24.52
N ARG A 600 -29.44 -10.25 -23.20
CA ARG A 600 -30.08 -11.21 -22.30
C ARG A 600 -30.90 -10.48 -21.23
N PRO A 601 -32.01 -11.09 -20.75
CA PRO A 601 -32.94 -10.40 -19.86
C PRO A 601 -32.41 -10.23 -18.44
N VAL A 602 -32.94 -9.22 -17.74
CA VAL A 602 -32.59 -9.00 -16.33
C VAL A 602 -33.37 -9.94 -15.42
N ILE A 603 -32.70 -10.46 -14.40
CA ILE A 603 -33.31 -11.39 -13.47
C ILE A 603 -34.09 -10.63 -12.39
N ASP A 604 -35.41 -10.84 -12.35
CA ASP A 604 -36.28 -10.10 -11.44
C ASP A 604 -36.75 -10.92 -10.24
N LYS A 605 -36.77 -12.24 -10.37
CA LYS A 605 -37.09 -13.12 -9.25
C LYS A 605 -35.93 -13.18 -8.27
N THR A 606 -36.23 -13.01 -6.98
CA THR A 606 -35.22 -13.09 -5.93
C THR A 606 -34.93 -14.55 -5.59
N LEU A 607 -34.16 -14.79 -4.53
CA LEU A 607 -33.85 -16.14 -4.09
C LEU A 607 -35.01 -16.75 -3.30
N ASN A 608 -35.78 -15.89 -2.65
CA ASN A 608 -36.98 -16.29 -1.92
C ASN A 608 -37.94 -15.11 -1.79
N GLU A 609 -39.11 -15.23 -2.39
CA GLU A 609 -40.13 -14.18 -2.38
C GLU A 609 -40.66 -13.93 -0.97
N ALA A 610 -40.81 -15.01 -0.21
CA ALA A 610 -41.30 -14.95 1.16
C ALA A 610 -40.37 -14.17 2.08
N ASP A 611 -39.07 -14.33 1.89
CA ASP A 611 -38.06 -13.69 2.74
C ASP A 611 -37.68 -12.31 2.22
N CYS A 612 -37.82 -12.10 0.91
CA CYS A 612 -37.40 -10.87 0.25
C CYS A 612 -38.21 -10.62 -1.02
N ALA A 613 -39.23 -9.78 -0.91
CA ALA A 613 -40.18 -9.54 -2.00
C ALA A 613 -39.59 -8.72 -3.12
N THR A 614 -39.82 -9.17 -4.36
CA THR A 614 -39.34 -8.51 -5.57
C THR A 614 -39.78 -7.05 -5.63
N VAL A 615 -38.88 -6.20 -6.13
CA VAL A 615 -39.16 -4.78 -6.31
C VAL A 615 -39.34 -4.46 -7.79
N PRO A 616 -40.61 -4.27 -8.22
CA PRO A 616 -40.89 -3.89 -9.61
C PRO A 616 -40.44 -2.47 -9.91
N PRO A 617 -40.17 -2.18 -11.20
CA PRO A 617 -39.75 -0.84 -11.62
C PRO A 617 -40.77 0.25 -11.31
N ALA A 618 -40.27 1.44 -10.99
CA ALA A 618 -41.09 2.64 -10.77
C ALA A 618 -40.23 3.86 -11.10
N ILE A 619 -40.85 5.05 -11.13
CA ILE A 619 -40.12 6.30 -11.33
C ILE A 619 -39.08 6.43 -10.20
N ARG A 620 -37.81 6.54 -10.56
CA ARG A 620 -36.75 6.69 -9.56
C ARG A 620 -36.08 8.06 -9.58
N SER A 621 -36.34 8.84 -8.54
CA SER A 621 -35.72 10.14 -8.34
C SER A 621 -35.56 10.42 -6.85
N TYR A 622 -34.57 11.22 -6.50
CA TYR A 622 -34.20 11.47 -5.11
C TYR A 622 -34.47 12.91 -4.71
N PRO B 9 8.49 27.64 -21.57
CA PRO B 9 9.84 27.09 -21.55
C PRO B 9 10.48 27.15 -20.17
N ARG B 10 10.68 25.99 -19.56
CA ARG B 10 11.24 25.86 -18.20
C ARG B 10 11.76 24.44 -17.95
N ILE B 11 13.07 24.27 -18.11
CA ILE B 11 13.70 22.94 -18.10
C ILE B 11 14.28 22.56 -16.73
N LYS B 12 14.02 21.31 -16.33
CA LYS B 12 14.58 20.73 -15.11
C LYS B 12 15.31 19.42 -15.45
N LYS B 13 16.51 19.25 -14.88
CA LYS B 13 17.34 18.06 -15.12
C LYS B 13 17.12 16.96 -14.07
N PHE B 14 17.01 15.72 -14.55
CA PHE B 14 16.84 14.55 -13.67
C PHE B 14 17.95 13.52 -13.90
N ALA B 15 18.72 13.26 -12.84
CA ALA B 15 19.75 12.22 -12.86
C ALA B 15 19.16 10.94 -12.26
N ILE B 16 19.09 9.89 -13.06
CA ILE B 16 18.43 8.65 -12.66
C ILE B 16 19.37 7.44 -12.75
N TYR B 17 19.35 6.63 -11.69
CA TYR B 17 20.12 5.39 -11.58
C TYR B 17 19.60 4.37 -12.59
N ARG B 18 20.49 3.83 -13.40
CA ARG B 18 20.10 2.89 -14.46
C ARG B 18 20.95 1.62 -14.48
N TRP B 19 20.28 0.49 -14.68
CA TRP B 19 20.95 -0.81 -14.84
C TRP B 19 20.09 -1.78 -15.64
N ASP B 20 20.69 -2.42 -16.63
CA ASP B 20 20.02 -3.41 -17.45
C ASP B 20 20.59 -4.80 -17.17
N PRO B 21 19.75 -5.73 -16.68
CA PRO B 21 20.18 -7.10 -16.40
C PRO B 21 20.32 -7.93 -17.66
N ASP B 22 19.64 -7.51 -18.73
CA ASP B 22 19.63 -8.25 -19.99
C ASP B 22 20.79 -7.88 -20.91
N LYS B 23 21.38 -6.71 -20.67
CA LYS B 23 22.56 -6.26 -21.41
C LYS B 23 23.82 -6.92 -20.85
N THR B 24 24.68 -7.41 -21.74
CA THR B 24 25.87 -8.15 -21.33
C THR B 24 26.92 -7.26 -20.66
N GLY B 25 27.17 -7.53 -19.38
CA GLY B 25 28.23 -6.87 -18.63
C GLY B 25 28.02 -5.39 -18.35
N ASP B 26 26.76 -4.96 -18.33
CA ASP B 26 26.42 -3.58 -18.00
C ASP B 26 26.40 -3.39 -16.49
N LYS B 27 27.07 -2.33 -16.02
CA LYS B 27 27.08 -2.00 -14.60
C LYS B 27 26.39 -0.66 -14.34
N PRO B 28 25.94 -0.41 -13.09
CA PRO B 28 25.17 0.79 -12.73
C PRO B 28 25.78 2.11 -13.18
N HIS B 29 24.95 2.99 -13.73
CA HIS B 29 25.35 4.32 -14.15
C HIS B 29 24.17 5.29 -14.11
N MET B 30 24.48 6.59 -14.04
CA MET B 30 23.45 7.62 -13.99
C MET B 30 23.17 8.17 -15.38
N GLN B 31 21.90 8.31 -15.71
CA GLN B 31 21.49 8.92 -16.98
C GLN B 31 20.62 10.14 -16.72
N THR B 32 20.94 11.25 -17.39
CA THR B 32 20.26 12.51 -17.17
C THR B 32 19.16 12.74 -18.21
N TYR B 33 18.05 13.30 -17.76
CA TYR B 33 16.92 13.64 -18.62
C TYR B 33 16.47 15.08 -18.38
N GLU B 34 16.04 15.76 -19.43
CA GLU B 34 15.53 17.12 -19.33
C GLU B 34 14.02 17.21 -19.62
N ILE B 35 13.31 17.95 -18.78
CA ILE B 35 11.84 18.02 -18.83
C ILE B 35 11.34 19.46 -18.73
N ASP B 36 10.44 19.83 -19.65
CA ASP B 36 9.77 21.12 -19.59
C ASP B 36 8.62 21.03 -18.59
N LEU B 37 8.82 21.60 -17.41
CA LEU B 37 7.88 21.46 -16.28
C LEU B 37 6.49 22.04 -16.51
N ASN B 38 6.36 22.89 -17.52
CA ASN B 38 5.05 23.45 -17.92
C ASN B 38 4.12 22.39 -18.51
N ASN B 39 4.72 21.36 -19.12
CA ASN B 39 3.97 20.24 -19.71
C ASN B 39 4.04 19.01 -18.80
N CYS B 40 4.00 19.24 -17.49
CA CYS B 40 4.20 18.17 -16.52
C CYS B 40 3.44 18.41 -15.21
N GLY B 41 3.09 17.32 -14.53
CA GLY B 41 2.48 17.38 -13.20
C GLY B 41 3.49 17.83 -12.16
N PRO B 42 3.01 18.17 -10.95
CA PRO B 42 3.91 18.72 -9.93
C PRO B 42 4.88 17.70 -9.33
N MET B 43 4.48 16.43 -9.32
CA MET B 43 5.20 15.37 -8.61
C MET B 43 6.33 14.72 -9.43
N VAL B 44 7.21 14.02 -8.74
CA VAL B 44 8.37 13.35 -9.34
C VAL B 44 7.92 12.22 -10.26
N LEU B 45 6.90 11.47 -9.83
CA LEU B 45 6.34 10.37 -10.63
C LEU B 45 5.83 10.87 -11.98
N ASP B 46 5.17 12.03 -11.98
CA ASP B 46 4.69 12.66 -13.20
C ASP B 46 5.81 12.84 -14.21
N ALA B 47 6.96 13.30 -13.73
CA ALA B 47 8.16 13.44 -14.56
C ALA B 47 8.71 12.08 -14.96
N LEU B 48 8.72 11.14 -14.03
CA LEU B 48 9.19 9.78 -14.30
C LEU B 48 8.42 9.10 -15.43
N ILE B 49 7.09 9.19 -15.40
CA ILE B 49 6.25 8.64 -16.46
C ILE B 49 6.40 9.47 -17.74
N LYS B 50 6.62 10.77 -17.59
CA LYS B 50 6.80 11.65 -18.75
C LYS B 50 8.03 11.26 -19.58
N ILE B 51 9.16 11.00 -18.92
CA ILE B 51 10.37 10.57 -19.63
C ILE B 51 10.20 9.13 -20.14
N LYS B 52 9.49 8.32 -19.37
CA LYS B 52 9.15 6.94 -19.73
C LYS B 52 8.28 6.90 -21.01
N ASN B 53 7.37 7.85 -21.13
CA ASN B 53 6.43 7.92 -22.25
C ASN B 53 6.96 8.63 -23.49
N GLU B 54 7.82 9.62 -23.28
CA GLU B 54 8.18 10.56 -24.34
C GLU B 54 9.66 10.59 -24.71
N ILE B 55 10.53 10.27 -23.75
CA ILE B 55 11.98 10.30 -23.98
C ILE B 55 12.56 8.88 -24.09
N ASP B 56 12.51 8.14 -23.00
CA ASP B 56 13.10 6.81 -22.92
C ASP B 56 12.17 5.81 -22.23
N SER B 57 11.64 4.87 -22.99
CA SER B 57 10.73 3.85 -22.46
C SER B 57 11.48 2.62 -21.93
N THR B 58 12.78 2.76 -21.73
CA THR B 58 13.59 1.72 -21.13
C THR B 58 13.62 1.94 -19.62
N LEU B 59 13.19 3.12 -19.19
CA LEU B 59 13.12 3.45 -17.77
C LEU B 59 12.08 2.58 -17.06
N THR B 60 12.53 1.87 -16.03
CA THR B 60 11.69 0.89 -15.35
C THR B 60 11.50 1.27 -13.88
N PHE B 61 10.23 1.38 -13.47
CA PHE B 61 9.88 1.66 -12.08
C PHE B 61 8.54 1.05 -11.69
N ARG B 62 8.27 1.00 -10.40
CA ARG B 62 6.99 0.52 -9.88
C ARG B 62 6.08 1.72 -9.60
N ARG B 63 4.82 1.60 -10.02
CA ARG B 63 3.81 2.64 -9.78
C ARG B 63 2.40 2.05 -9.91
N SER B 64 1.42 2.71 -9.29
CA SER B 64 0.02 2.30 -9.42
C SER B 64 -0.97 3.41 -9.12
N CYS B 65 -1.08 3.79 -7.86
CA CYS B 65 -2.17 4.65 -7.40
C CYS B 65 -2.04 6.14 -7.70
N ARG B 66 -0.81 6.61 -7.96
CA ARG B 66 -0.48 8.05 -8.08
C ARG B 66 -1.19 8.93 -7.04
N GLU B 67 -1.30 8.40 -5.82
CA GLU B 67 -2.17 8.96 -4.80
C GLU B 67 -1.48 9.01 -3.43
N GLY B 68 -0.49 8.14 -3.26
CA GLY B 68 0.27 8.09 -2.02
C GLY B 68 -0.13 6.99 -1.06
N ILE B 69 -0.98 6.07 -1.52
CA ILE B 69 -1.33 4.90 -0.69
C ILE B 69 -0.57 3.63 -1.10
N CYS B 70 -1.03 2.93 -2.13
CA CYS B 70 -0.45 1.64 -2.53
C CYS B 70 0.99 1.40 -2.03
N GLY B 71 1.88 2.36 -2.27
CA GLY B 71 3.26 2.30 -1.80
C GLY B 71 4.22 1.70 -2.81
N SER B 72 3.82 1.73 -4.08
CA SER B 72 4.60 1.13 -5.17
C SER B 72 5.86 1.92 -5.50
N CYS B 73 5.73 3.24 -5.59
CA CYS B 73 6.79 4.09 -6.13
C CYS B 73 7.87 4.51 -5.13
N ALA B 74 8.03 3.74 -4.06
CA ALA B 74 9.00 4.05 -3.02
C ALA B 74 10.42 4.05 -3.58
N MET B 75 11.10 5.20 -3.46
CA MET B 75 12.47 5.34 -3.95
C MET B 75 13.21 6.50 -3.27
N ASN B 76 14.53 6.53 -3.43
CA ASN B 76 15.37 7.57 -2.84
C ASN B 76 15.50 8.80 -3.75
N ILE B 77 14.72 9.84 -3.42
CA ILE B 77 14.76 11.10 -4.14
C ILE B 77 15.58 12.12 -3.35
N ASN B 78 16.58 12.69 -4.01
CA ASN B 78 17.44 13.74 -3.43
C ASN B 78 18.07 13.39 -2.08
N GLY B 79 18.14 12.09 -1.76
CA GLY B 79 18.79 11.62 -0.54
C GLY B 79 17.86 11.05 0.52
N GLY B 80 16.56 11.28 0.37
CA GLY B 80 15.57 10.80 1.33
C GLY B 80 14.57 9.85 0.70
N ASN B 81 14.33 8.72 1.37
CA ASN B 81 13.38 7.71 0.91
C ASN B 81 11.94 8.19 1.07
N THR B 82 11.27 8.44 -0.05
CA THR B 82 9.85 8.82 -0.03
C THR B 82 9.08 8.22 -1.20
N LEU B 83 7.92 8.81 -1.49
CA LEU B 83 7.08 8.35 -2.59
C LEU B 83 7.10 9.38 -3.71
N ALA B 84 7.43 8.93 -4.92
CA ALA B 84 7.54 9.79 -6.09
C ALA B 84 6.23 10.50 -6.45
N CYS B 85 5.10 9.88 -6.10
CA CYS B 85 3.78 10.44 -6.40
C CYS B 85 3.29 11.46 -5.36
N THR B 86 4.02 11.55 -4.24
CA THR B 86 3.71 12.50 -3.18
C THR B 86 4.73 13.65 -3.15
N ARG B 87 5.99 13.33 -3.44
CA ARG B 87 7.05 14.34 -3.47
C ARG B 87 6.97 15.17 -4.74
N ARG B 88 6.86 16.48 -4.57
CA ARG B 88 6.85 17.40 -5.70
C ARG B 88 8.28 17.76 -6.10
N ILE B 89 8.47 18.04 -7.39
CA ILE B 89 9.78 18.41 -7.93
C ILE B 89 10.17 19.79 -7.43
N ASP B 90 11.43 19.92 -7.00
CA ASP B 90 12.00 21.22 -6.64
C ASP B 90 12.13 22.06 -7.90
N THR B 91 11.30 23.10 -8.00
CA THR B 91 11.21 23.94 -9.20
C THR B 91 12.51 24.67 -9.53
N ASN B 92 13.45 24.67 -8.59
CA ASN B 92 14.76 25.29 -8.78
C ASN B 92 15.52 24.64 -9.92
N LEU B 93 15.60 25.37 -11.04
CA LEU B 93 16.21 24.87 -12.28
C LEU B 93 17.71 24.60 -12.13
N ASP B 94 18.37 25.42 -11.32
CA ASP B 94 19.83 25.31 -11.09
C ASP B 94 20.24 24.00 -10.41
N LYS B 95 19.32 23.43 -9.64
CA LYS B 95 19.55 22.14 -8.99
C LYS B 95 19.15 20.99 -9.91
N VAL B 96 19.80 19.84 -9.74
CA VAL B 96 19.53 18.65 -10.53
C VAL B 96 19.06 17.50 -9.64
N SER B 97 17.81 17.07 -9.85
CA SER B 97 17.19 16.02 -9.04
C SER B 97 17.85 14.65 -9.25
N LYS B 98 18.36 14.08 -8.17
CA LYS B 98 19.01 12.77 -8.19
C LYS B 98 18.04 11.69 -7.71
N ILE B 99 17.67 10.79 -8.61
CA ILE B 99 16.75 9.70 -8.31
C ILE B 99 17.47 8.36 -8.20
N TYR B 100 17.36 7.75 -7.03
CA TYR B 100 17.99 6.47 -6.74
C TYR B 100 16.96 5.46 -6.24
N PRO B 101 17.23 4.15 -6.43
CA PRO B 101 16.41 3.11 -5.82
C PRO B 101 16.72 3.01 -4.33
N LEU B 102 15.80 2.44 -3.56
CA LEU B 102 15.95 2.32 -2.11
C LEU B 102 17.31 1.70 -1.74
N PRO B 103 18.01 2.31 -0.76
CA PRO B 103 19.37 1.96 -0.31
C PRO B 103 19.59 0.50 0.11
N HIS B 104 20.80 0.00 -0.17
CA HIS B 104 21.23 -1.35 0.22
C HIS B 104 20.22 -2.45 -0.16
N MET B 105 19.70 -2.34 -1.38
CA MET B 105 18.75 -3.32 -1.91
C MET B 105 19.28 -3.93 -3.21
N TYR B 106 19.02 -5.21 -3.41
CA TYR B 106 19.42 -5.87 -4.65
C TYR B 106 18.55 -5.37 -5.79
N VAL B 107 19.17 -4.64 -6.72
CA VAL B 107 18.43 -4.02 -7.82
C VAL B 107 18.13 -5.04 -8.92
N ILE B 108 16.84 -5.30 -9.13
CA ILE B 108 16.38 -6.17 -10.22
C ILE B 108 16.67 -5.51 -11.56
N LYS B 109 16.21 -4.26 -11.70
CA LYS B 109 16.42 -3.45 -12.89
C LYS B 109 16.09 -2.00 -12.56
N ASP B 110 16.96 -1.08 -13.01
CA ASP B 110 16.77 0.37 -12.82
C ASP B 110 16.33 0.57 -11.36
N LEU B 111 15.20 1.24 -11.18
CA LEU B 111 14.70 1.58 -9.84
C LEU B 111 13.79 0.57 -9.15
N VAL B 112 13.89 -0.69 -9.56
CA VAL B 112 13.05 -1.75 -9.03
C VAL B 112 13.86 -2.70 -8.15
N PRO B 113 13.70 -2.58 -6.81
CA PRO B 113 14.42 -3.41 -5.84
C PRO B 113 13.70 -4.71 -5.48
N ASP B 114 14.48 -5.71 -5.06
CA ASP B 114 13.92 -6.98 -4.63
C ASP B 114 13.44 -6.87 -3.18
N LEU B 115 12.13 -6.77 -3.00
CA LEU B 115 11.52 -6.58 -1.69
C LEU B 115 11.07 -7.89 -1.06
N SER B 116 11.47 -9.02 -1.66
CA SER B 116 11.03 -10.35 -1.21
C SER B 116 11.32 -10.64 0.25
N ASN B 117 12.54 -10.30 0.69
CA ASN B 117 12.95 -10.50 2.08
C ASN B 117 12.12 -9.64 3.02
N PHE B 118 11.93 -8.38 2.63
CA PHE B 118 11.11 -7.43 3.37
C PHE B 118 9.73 -8.00 3.64
N TYR B 119 9.08 -8.47 2.57
CA TYR B 119 7.75 -9.06 2.66
C TYR B 119 7.75 -10.30 3.56
N ALA B 120 8.77 -11.14 3.40
CA ALA B 120 8.90 -12.39 4.14
C ALA B 120 9.03 -12.16 5.64
N GLN B 121 9.77 -11.11 6.01
CA GLN B 121 9.92 -10.71 7.42
C GLN B 121 8.58 -10.27 8.01
N TYR B 122 7.78 -9.57 7.21
CA TYR B 122 6.43 -9.17 7.59
C TYR B 122 5.53 -10.39 7.83
N LYS B 123 5.76 -11.45 7.07
CA LYS B 123 5.05 -12.72 7.24
C LYS B 123 5.41 -13.42 8.55
N SER B 124 6.64 -13.19 9.02
CA SER B 124 7.17 -13.90 10.19
C SER B 124 6.59 -13.43 11.53
N ILE B 125 6.00 -12.23 11.53
CA ILE B 125 5.43 -11.68 12.77
C ILE B 125 3.93 -11.99 12.94
N GLU B 126 3.31 -12.53 11.88
CA GLU B 126 1.89 -12.92 11.90
C GLU B 126 0.95 -11.73 12.09
N PRO B 127 0.78 -10.90 11.03
CA PRO B 127 -0.02 -9.69 11.13
C PRO B 127 -1.52 -9.95 10.95
N TYR B 128 -2.08 -10.77 11.83
CA TYR B 128 -3.51 -11.08 11.82
C TYR B 128 -4.04 -11.29 13.23
N LEU B 129 -5.33 -11.01 13.42
CA LEU B 129 -5.96 -11.11 14.74
C LEU B 129 -5.94 -12.57 15.20
N LYS B 130 -5.50 -12.78 16.44
CA LYS B 130 -5.40 -14.12 17.01
C LYS B 130 -6.11 -14.23 18.36
N LYS B 131 -7.11 -15.10 18.41
CA LYS B 131 -7.85 -15.37 19.64
C LYS B 131 -7.51 -16.77 20.17
N LYS B 132 -7.63 -16.94 21.48
CA LYS B 132 -7.36 -18.23 22.12
C LYS B 132 -8.36 -19.31 21.69
N ASP B 133 -9.59 -18.90 21.43
CA ASP B 133 -10.60 -19.78 20.83
C ASP B 133 -11.30 -19.11 19.66
N GLU B 134 -10.84 -19.43 18.44
CA GLU B 134 -11.47 -18.91 17.23
C GLU B 134 -12.61 -19.84 16.77
N SER B 135 -13.35 -20.36 17.74
CA SER B 135 -14.47 -21.26 17.50
C SER B 135 -15.81 -20.53 17.49
N GLN B 136 -15.76 -19.21 17.69
CA GLN B 136 -16.96 -18.37 17.71
C GLN B 136 -16.86 -17.20 16.72
N GLU B 137 -15.85 -17.24 15.86
CA GLU B 137 -15.59 -16.14 14.93
C GLU B 137 -16.50 -16.18 13.70
N GLY B 138 -16.76 -14.98 13.14
CA GLY B 138 -17.58 -14.83 11.96
C GLY B 138 -19.07 -14.83 12.23
N LYS B 139 -19.46 -14.39 13.44
CA LYS B 139 -20.88 -14.27 13.80
C LYS B 139 -21.20 -13.09 14.70
N GLN B 140 -20.23 -12.67 15.52
CA GLN B 140 -20.40 -11.49 16.36
C GLN B 140 -19.28 -10.50 16.11
N GLN B 141 -19.61 -9.21 16.13
CA GLN B 141 -18.59 -8.17 16.06
C GLN B 141 -17.92 -7.99 17.42
N TYR B 142 -16.59 -8.06 17.44
CA TYR B 142 -15.83 -7.87 18.66
C TYR B 142 -15.98 -6.44 19.17
N LEU B 143 -16.04 -6.28 20.48
CA LEU B 143 -16.19 -4.97 21.09
C LEU B 143 -14.83 -4.34 21.38
N GLN B 144 -14.70 -3.07 20.97
CA GLN B 144 -13.48 -2.29 21.20
C GLN B 144 -13.89 -0.83 21.39
N SER B 145 -13.59 -0.26 22.55
CA SER B 145 -14.00 1.11 22.87
C SER B 145 -13.21 2.13 22.06
N ILE B 146 -13.77 3.34 21.92
CA ILE B 146 -13.14 4.42 21.15
C ILE B 146 -11.68 4.68 21.55
N GLU B 147 -11.38 4.48 22.84
CA GLU B 147 -10.02 4.70 23.35
C GLU B 147 -9.08 3.55 22.98
N GLU B 148 -9.57 2.31 23.12
CA GLU B 148 -8.80 1.11 22.72
C GLU B 148 -8.48 1.15 21.22
N ARG B 149 -9.34 1.83 20.47
CA ARG B 149 -9.21 1.95 19.03
C ARG B 149 -8.20 3.04 18.64
N GLU B 150 -8.15 4.12 19.44
CA GLU B 150 -7.23 5.24 19.18
C GLU B 150 -5.75 4.88 19.37
N LYS B 151 -5.50 3.77 20.05
CA LYS B 151 -4.15 3.24 20.23
C LYS B 151 -3.57 2.79 18.89
N LEU B 152 -4.45 2.46 17.95
CA LEU B 152 -4.03 1.97 16.65
C LEU B 152 -3.74 3.10 15.68
N ASP B 153 -4.24 4.30 15.98
CA ASP B 153 -3.94 5.47 15.16
C ASP B 153 -2.44 5.73 15.16
N GLY B 154 -1.90 6.04 13.98
CA GLY B 154 -0.47 6.18 13.80
C GLY B 154 0.23 4.86 13.50
N LEU B 155 -0.47 3.74 13.70
CA LEU B 155 0.12 2.42 13.48
C LEU B 155 -0.49 1.72 12.27
N TYR B 156 -1.82 1.70 12.19
CA TYR B 156 -2.52 0.98 11.13
C TYR B 156 -2.31 1.60 9.74
N GLU B 157 -2.05 2.91 9.71
CA GLU B 157 -1.94 3.65 8.44
C GLU B 157 -0.77 3.21 7.58
N CYS B 158 0.17 2.47 8.16
CA CYS B 158 1.36 2.00 7.46
C CYS B 158 0.98 1.31 6.16
N ILE B 159 1.78 1.56 5.13
CA ILE B 159 1.40 1.20 3.78
C ILE B 159 2.40 0.22 3.15
N LEU B 160 3.40 -0.17 3.95
CA LEU B 160 4.46 -1.10 3.55
C LEU B 160 5.24 -0.70 2.29
N CYS B 161 5.60 0.58 2.22
CA CYS B 161 6.40 1.12 1.11
C CYS B 161 7.87 0.77 1.30
N ALA B 162 8.26 0.49 2.55
CA ALA B 162 9.62 0.13 2.93
C ALA B 162 10.62 1.30 2.85
N CYS B 163 10.11 2.53 2.91
CA CYS B 163 10.98 3.71 2.92
C CYS B 163 11.81 3.78 4.20
N CYS B 164 11.17 3.47 5.33
CA CYS B 164 11.80 3.57 6.64
C CYS B 164 12.87 2.51 6.86
N SER B 165 12.52 1.25 6.64
CA SER B 165 13.46 0.14 6.84
C SER B 165 14.70 0.29 5.98
N THR B 166 14.54 0.96 4.84
CA THR B 166 15.62 1.15 3.88
C THR B 166 16.46 2.39 4.20
N SER B 167 16.01 3.16 5.19
CA SER B 167 16.75 4.33 5.67
C SER B 167 17.55 3.98 6.92
N CYS B 168 17.22 2.83 7.51
CA CYS B 168 17.87 2.36 8.73
C CYS B 168 19.19 1.66 8.43
N PRO B 169 20.30 2.21 8.95
CA PRO B 169 21.63 1.63 8.78
C PRO B 169 21.75 0.23 9.37
N SER B 170 20.98 -0.05 10.43
CA SER B 170 20.94 -1.37 11.05
C SER B 170 20.36 -2.42 10.10
N TYR B 171 19.41 -2.00 9.27
CA TYR B 171 18.81 -2.85 8.27
C TYR B 171 19.71 -3.02 7.04
N TRP B 172 20.68 -2.12 6.87
CA TRP B 172 21.66 -2.28 5.81
C TRP B 172 22.66 -3.36 6.20
N TRP B 173 23.31 -3.17 7.35
CA TRP B 173 24.37 -4.06 7.80
C TRP B 173 23.84 -5.41 8.28
N ASN B 174 22.58 -5.44 8.71
CA ASN B 174 21.99 -6.67 9.25
C ASN B 174 20.57 -6.94 8.75
N GLY B 175 20.33 -6.69 7.47
CA GLY B 175 19.00 -6.88 6.87
C GLY B 175 18.46 -8.29 6.93
N ASP B 176 19.37 -9.27 7.02
CA ASP B 176 19.01 -10.69 7.01
C ASP B 176 18.31 -11.15 8.28
N LYS B 177 18.72 -10.61 9.42
CA LYS B 177 18.21 -11.05 10.73
C LYS B 177 17.46 -9.98 11.51
N TYR B 178 17.58 -8.72 11.07
CA TYR B 178 16.89 -7.60 11.70
C TYR B 178 15.59 -7.28 10.95
N LEU B 179 14.48 -7.23 11.68
CA LEU B 179 13.16 -7.08 11.08
C LEU B 179 12.89 -5.69 10.49
N GLY B 180 13.53 -4.67 11.05
CA GLY B 180 13.35 -3.31 10.57
C GLY B 180 12.10 -2.64 11.08
N PRO B 181 12.08 -1.28 11.06
CA PRO B 181 11.00 -0.47 11.62
C PRO B 181 9.61 -0.85 11.11
N ALA B 182 9.44 -0.89 9.79
CA ALA B 182 8.15 -1.22 9.18
C ALA B 182 7.51 -2.46 9.81
N VAL B 183 8.23 -3.58 9.76
CA VAL B 183 7.75 -4.85 10.30
C VAL B 183 7.55 -4.78 11.82
N LEU B 184 8.48 -4.12 12.51
CA LEU B 184 8.41 -3.99 13.97
C LEU B 184 7.20 -3.20 14.44
N MET B 185 6.90 -2.11 13.72
CA MET B 185 5.76 -1.25 14.04
C MET B 185 4.44 -2.02 13.92
N GLN B 186 4.38 -2.92 12.93
CA GLN B 186 3.20 -3.74 12.72
C GLN B 186 3.07 -4.81 13.78
N ALA B 187 4.20 -5.29 14.29
CA ALA B 187 4.17 -6.21 15.44
C ALA B 187 3.65 -5.46 16.66
N TYR B 188 4.01 -4.19 16.78
CA TYR B 188 3.50 -3.35 17.86
C TYR B 188 2.01 -3.05 17.67
N ARG B 189 1.57 -2.90 16.42
CA ARG B 189 0.16 -2.71 16.08
C ARG B 189 -0.71 -3.83 16.64
N TRP B 190 -0.24 -5.06 16.50
CA TRP B 190 -1.00 -6.24 16.94
C TRP B 190 -0.81 -6.53 18.42
N MET B 191 0.23 -5.95 19.01
CA MET B 191 0.47 -6.08 20.43
C MET B 191 -0.57 -5.32 21.26
N ILE B 192 -0.78 -4.05 20.94
CA ILE B 192 -1.74 -3.22 21.70
C ILE B 192 -3.17 -3.23 21.13
N ASP B 193 -3.44 -4.13 20.20
CA ASP B 193 -4.81 -4.34 19.74
C ASP B 193 -5.56 -5.16 20.80
N SER B 194 -6.54 -4.54 21.43
CA SER B 194 -7.26 -5.14 22.58
C SER B 194 -7.89 -6.50 22.25
N ARG B 195 -8.21 -6.70 20.98
CA ARG B 195 -8.87 -7.92 20.53
C ARG B 195 -7.91 -9.11 20.42
N ASP B 196 -6.61 -8.81 20.39
CA ASP B 196 -5.58 -9.83 20.24
C ASP B 196 -5.23 -10.47 21.59
N ASP B 197 -5.25 -11.80 21.63
CA ASP B 197 -4.98 -12.54 22.86
C ASP B 197 -3.56 -13.09 22.92
N PHE B 198 -2.75 -12.75 21.93
CA PHE B 198 -1.40 -13.30 21.81
C PHE B 198 -0.28 -12.29 22.11
N THR B 199 -0.60 -11.29 22.94
CA THR B 199 0.32 -10.19 23.27
C THR B 199 1.67 -10.65 23.86
N GLU B 200 1.64 -11.64 24.74
CA GLU B 200 2.84 -12.14 25.41
C GLU B 200 3.74 -12.93 24.46
N GLU B 201 3.16 -13.87 23.73
CA GLU B 201 3.91 -14.74 22.82
C GLU B 201 4.45 -14.00 21.59
N ARG B 202 3.81 -12.89 21.23
CA ARG B 202 4.29 -12.01 20.16
C ARG B 202 5.59 -11.31 20.55
N LEU B 203 5.66 -10.87 21.80
CA LEU B 203 6.87 -10.32 22.38
C LEU B 203 7.98 -11.37 22.47
N ALA B 204 7.59 -12.61 22.76
CA ALA B 204 8.52 -13.72 22.88
C ALA B 204 9.29 -14.02 21.59
N LYS B 205 8.67 -13.74 20.44
CA LYS B 205 9.33 -13.91 19.14
C LYS B 205 10.55 -13.02 18.96
N LEU B 206 10.56 -11.89 19.67
CA LEU B 206 11.64 -10.92 19.58
C LEU B 206 12.79 -11.17 20.56
N GLN B 207 12.66 -12.23 21.35
CA GLN B 207 13.66 -12.57 22.38
C GLN B 207 14.90 -13.20 21.77
N ASP B 208 15.72 -12.36 21.15
CA ASP B 208 17.00 -12.75 20.57
C ASP B 208 17.81 -11.48 20.29
N PRO B 209 19.11 -11.63 19.98
CA PRO B 209 19.93 -10.43 19.79
C PRO B 209 19.51 -9.57 18.59
N PHE B 210 19.07 -10.20 17.50
CA PHE B 210 18.96 -9.53 16.21
C PHE B 210 17.59 -8.93 15.84
N SER B 211 16.52 -9.68 16.06
CA SER B 211 15.18 -9.34 15.53
C SER B 211 14.69 -7.94 15.88
N LEU B 212 14.82 -7.57 17.15
CA LEU B 212 14.45 -6.23 17.61
C LEU B 212 15.65 -5.40 18.02
N TYR B 213 16.57 -6.00 18.77
CA TYR B 213 17.61 -5.26 19.49
C TYR B 213 18.73 -4.64 18.65
N ARG B 214 18.62 -4.78 17.33
CA ARG B 214 19.53 -4.10 16.40
C ARG B 214 19.15 -2.64 16.20
N CYS B 215 18.02 -2.25 16.78
CA CYS B 215 17.66 -0.84 16.80
C CYS B 215 18.50 -0.13 17.85
N HIS B 216 19.11 0.98 17.45
CA HIS B 216 19.93 1.79 18.34
C HIS B 216 19.39 3.21 18.45
N THR B 217 18.15 3.40 18.00
CA THR B 217 17.49 4.72 17.96
C THR B 217 18.27 5.74 17.11
N ILE B 218 18.38 5.43 15.81
CA ILE B 218 19.05 6.30 14.84
C ILE B 218 18.04 7.32 14.29
N MET B 219 16.77 6.90 14.25
CA MET B 219 15.64 7.78 13.92
C MET B 219 15.56 8.23 12.46
N ASN B 220 16.27 7.53 11.58
CA ASN B 220 16.12 7.76 10.14
C ASN B 220 14.78 7.26 9.62
N CYS B 221 14.23 6.25 10.30
CA CYS B 221 12.93 5.68 9.95
C CYS B 221 11.80 6.70 10.08
N THR B 222 11.63 7.23 11.30
CA THR B 222 10.61 8.24 11.58
C THR B 222 10.79 9.50 10.73
N GLY B 223 12.05 9.89 10.51
CA GLY B 223 12.37 11.07 9.72
C GLY B 223 11.98 11.00 8.26
N THR B 224 11.96 9.79 7.70
CA THR B 224 11.79 9.63 6.26
C THR B 224 10.39 9.17 5.83
N CYS B 225 9.57 8.71 6.78
CA CYS B 225 8.25 8.13 6.46
C CYS B 225 7.37 9.09 5.68
N PRO B 226 7.01 8.71 4.44
CA PRO B 226 6.22 9.57 3.56
C PRO B 226 4.79 9.76 4.06
N LYS B 227 4.40 8.97 5.06
CA LYS B 227 3.04 9.00 5.60
C LYS B 227 2.96 9.72 6.94
N GLY B 228 4.10 10.23 7.41
CA GLY B 228 4.17 11.00 8.65
C GLY B 228 4.14 10.17 9.92
N LEU B 229 4.25 8.84 9.78
CA LEU B 229 4.19 7.92 10.91
C LEU B 229 5.48 7.91 11.71
N ASN B 230 5.42 7.34 12.91
CA ASN B 230 6.55 7.35 13.85
C ASN B 230 6.96 5.93 14.28
N PRO B 231 7.67 5.19 13.39
CA PRO B 231 8.02 3.78 13.66
C PRO B 231 8.96 3.60 14.85
N GLY B 232 9.90 4.52 15.01
CA GLY B 232 10.89 4.43 16.08
C GLY B 232 10.29 4.52 17.47
N LYS B 233 9.36 5.46 17.64
CA LYS B 233 8.60 5.62 18.90
C LYS B 233 7.93 4.30 19.29
N ALA B 234 7.38 3.62 18.30
CA ALA B 234 6.75 2.32 18.51
C ALA B 234 7.78 1.27 18.92
N ILE B 235 8.95 1.28 18.27
CA ILE B 235 10.03 0.36 18.62
C ILE B 235 10.45 0.55 20.08
N ALA B 236 10.63 1.81 20.49
CA ALA B 236 10.98 2.13 21.87
C ALA B 236 9.88 1.71 22.85
N GLU B 237 8.64 1.71 22.36
CA GLU B 237 7.49 1.31 23.15
C GLU B 237 7.44 -0.21 23.28
N ILE B 238 7.93 -0.90 22.25
CA ILE B 238 8.07 -2.37 22.28
C ILE B 238 9.13 -2.74 23.33
N LYS B 239 10.28 -2.08 23.25
CA LYS B 239 11.40 -2.35 24.14
C LYS B 239 10.99 -2.28 25.61
N LYS B 240 10.14 -1.30 25.93
CA LYS B 240 9.60 -1.13 27.28
C LYS B 240 8.71 -2.30 27.69
N MET B 241 7.89 -2.78 26.75
CA MET B 241 7.02 -3.93 27.00
C MET B 241 7.84 -5.19 27.19
N MET B 242 8.88 -5.32 26.36
CA MET B 242 9.81 -6.45 26.41
C MET B 242 10.52 -6.56 27.75
N ALA B 243 10.64 -5.44 28.44
CA ALA B 243 11.38 -5.37 29.70
C ALA B 243 10.49 -5.47 30.93
N THR B 244 9.17 -5.36 30.74
CA THR B 244 8.24 -5.24 31.85
C THR B 244 7.17 -6.33 31.93
N TYR B 245 6.92 -7.01 30.81
CA TYR B 245 5.94 -8.10 30.78
C TYR B 245 6.39 -9.29 31.64
N LYS B 246 5.50 -9.77 32.50
CA LYS B 246 5.83 -10.87 33.42
C LYS B 246 5.37 -12.24 32.91
N GLU B 247 6.05 -13.29 33.38
CA GLU B 247 5.87 -14.66 32.90
C GLU B 247 6.20 -14.80 31.41
N THR C 3 4.56 -22.04 1.04
CA THR C 3 5.90 -21.62 1.52
C THR C 3 5.87 -20.78 2.80
N THR C 4 6.73 -21.12 3.76
CA THR C 4 6.81 -20.40 5.03
C THR C 4 7.70 -19.16 4.90
N ALA C 5 7.61 -18.26 5.88
CA ALA C 5 8.42 -17.04 5.92
C ALA C 5 9.93 -17.33 5.93
N LYS C 6 10.32 -18.36 6.68
CA LYS C 6 11.72 -18.77 6.79
C LYS C 6 12.24 -19.36 5.48
N GLU C 7 11.38 -20.13 4.80
CA GLU C 7 11.72 -20.72 3.50
C GLU C 7 11.89 -19.67 2.42
N GLU C 8 11.12 -18.59 2.52
CA GLU C 8 11.18 -17.48 1.56
C GLU C 8 12.50 -16.72 1.66
N MET C 9 12.92 -16.42 2.88
CA MET C 9 14.17 -15.70 3.15
C MET C 9 15.37 -16.52 2.70
N GLU C 10 15.28 -17.84 2.83
CA GLU C 10 16.32 -18.76 2.40
C GLU C 10 16.47 -18.69 0.87
N ARG C 11 15.34 -18.54 0.17
CA ARG C 11 15.33 -18.45 -1.30
C ARG C 11 15.74 -17.06 -1.79
N PHE C 12 15.43 -16.02 -1.00
CA PHE C 12 15.81 -14.65 -1.33
C PHE C 12 17.32 -14.50 -1.42
N TRP C 13 18.03 -15.06 -0.44
CA TRP C 13 19.49 -14.96 -0.37
C TRP C 13 20.19 -15.86 -1.39
N ASN C 14 19.60 -17.02 -1.65
CA ASN C 14 20.13 -17.95 -2.66
C ASN C 14 19.95 -17.43 -4.08
N LYS C 15 18.91 -16.62 -4.29
CA LYS C 15 18.63 -16.02 -5.60
C LYS C 15 19.58 -14.87 -5.90
N ASN C 16 19.81 -14.02 -4.90
CA ASN C 16 20.58 -12.79 -5.10
C ASN C 16 22.10 -12.95 -5.03
N LEU C 17 22.58 -13.72 -4.05
CA LEU C 17 24.02 -13.99 -3.90
C LEU C 17 24.59 -14.76 -5.10
N GLY C 18 23.78 -15.64 -5.68
CA GLY C 18 24.17 -16.39 -6.87
C GLY C 18 23.84 -15.67 -8.16
N SER C 19 23.55 -14.37 -8.07
CA SER C 19 23.22 -13.55 -9.23
C SER C 19 24.23 -12.42 -9.45
N ASN C 20 24.02 -11.66 -10.52
CA ASN C 20 24.86 -10.50 -10.84
C ASN C 20 24.17 -9.17 -10.56
N ARG C 21 23.16 -9.20 -9.70
CA ARG C 21 22.44 -8.01 -9.29
C ARG C 21 23.32 -7.15 -8.38
N PRO C 22 23.40 -5.83 -8.66
CA PRO C 22 24.18 -4.91 -7.85
C PRO C 22 23.37 -4.30 -6.70
N LEU C 23 24.02 -4.10 -5.55
CA LEU C 23 23.39 -3.43 -4.42
C LEU C 23 23.27 -1.94 -4.70
N SER C 24 22.08 -1.40 -4.40
CA SER C 24 21.85 0.03 -4.50
C SER C 24 22.69 0.76 -3.45
N PRO C 25 23.30 1.90 -3.83
CA PRO C 25 24.13 2.68 -2.90
C PRO C 25 23.34 3.14 -1.67
N HIS C 26 24.04 3.23 -0.54
CA HIS C 26 23.43 3.54 0.75
C HIS C 26 24.04 4.78 1.42
N ILE C 27 25.20 4.63 2.08
CA ILE C 27 25.88 5.76 2.71
C ILE C 27 26.26 6.80 1.66
N THR C 28 26.75 6.32 0.52
CA THR C 28 27.21 7.15 -0.60
C THR C 28 26.20 8.21 -1.01
N ILE C 29 24.91 7.85 -0.97
CA ILE C 29 23.86 8.69 -1.52
C ILE C 29 22.93 9.32 -0.48
N TYR C 30 22.82 8.70 0.69
CA TYR C 30 21.83 9.12 1.68
C TYR C 30 22.14 10.49 2.29
N ARG C 31 21.11 11.33 2.34
CA ARG C 31 21.20 12.69 2.85
C ARG C 31 21.43 12.71 4.36
N TRP C 32 22.57 13.26 4.76
CA TRP C 32 22.97 13.34 6.17
C TRP C 32 22.20 14.41 6.96
N SER C 33 21.70 14.00 8.13
CA SER C 33 20.99 14.91 9.02
C SER C 33 21.68 15.00 10.37
N LEU C 34 21.35 16.02 11.15
CA LEU C 34 21.93 16.21 12.49
C LEU C 34 21.71 15.03 13.44
N PRO C 35 20.44 14.56 13.60
CA PRO C 35 20.19 13.42 14.48
C PRO C 35 20.95 12.17 14.05
N MET C 36 21.11 12.01 12.73
CA MET C 36 21.85 10.91 12.15
C MET C 36 23.33 11.04 12.42
N ALA C 37 23.89 12.21 12.10
CA ALA C 37 25.32 12.47 12.34
C ALA C 37 25.69 12.30 13.81
N MET C 38 24.78 12.72 14.69
CA MET C 38 24.99 12.62 16.14
C MET C 38 24.98 11.20 16.68
N SER C 39 24.36 10.29 15.94
CA SER C 39 24.30 8.88 16.33
C SER C 39 25.66 8.21 16.12
N ILE C 40 26.25 8.37 14.93
CA ILE C 40 27.57 7.77 14.65
C ILE C 40 28.61 8.29 15.63
N CYS C 41 28.52 9.59 15.97
CA CYS C 41 29.40 10.22 16.93
C CYS C 41 29.31 9.57 18.31
N HIS C 42 28.11 9.13 18.69
CA HIS C 42 27.92 8.40 19.94
C HIS C 42 28.65 7.06 19.90
N ARG C 43 28.63 6.39 18.75
CA ARG C 43 29.39 5.15 18.58
C ARG C 43 30.89 5.39 18.51
N GLY C 44 31.27 6.47 17.83
CA GLY C 44 32.68 6.85 17.73
C GLY C 44 33.26 7.17 19.10
N THR C 45 32.56 8.03 19.83
CA THR C 45 32.98 8.42 21.18
C THR C 45 32.98 7.23 22.16
N GLY C 46 32.03 6.32 21.97
CA GLY C 46 31.98 5.09 22.75
C GLY C 46 33.19 4.20 22.51
N ILE C 47 33.57 4.05 21.25
CA ILE C 47 34.72 3.23 20.87
C ILE C 47 36.05 3.86 21.31
N ALA C 48 36.15 5.18 21.17
CA ALA C 48 37.35 5.92 21.56
C ALA C 48 37.62 5.85 23.06
N LEU C 49 36.56 5.97 23.85
CA LEU C 49 36.64 5.94 25.30
C LEU C 49 37.04 4.56 25.84
N SER C 50 36.49 3.50 25.24
CA SER C 50 36.87 2.13 25.58
C SER C 50 38.31 1.85 25.22
N ALA C 51 38.78 2.45 24.11
CA ALA C 51 40.18 2.38 23.70
C ALA C 51 41.06 3.14 24.69
N GLY C 52 40.49 4.14 25.35
CA GLY C 52 41.21 4.90 26.36
C GLY C 52 41.35 4.12 27.65
N VAL C 53 40.24 3.57 28.12
CA VAL C 53 40.20 2.80 29.37
C VAL C 53 41.06 1.53 29.26
N SER C 54 41.00 0.87 28.11
CA SER C 54 41.76 -0.37 27.88
C SER C 54 43.27 -0.14 27.78
N LEU C 55 43.66 0.97 27.17
CA LEU C 55 45.08 1.34 27.09
C LEU C 55 45.63 1.69 28.46
N PHE C 56 44.80 2.37 29.27
CA PHE C 56 45.18 2.80 30.62
C PHE C 56 45.30 1.63 31.59
N GLY C 57 44.48 0.61 31.38
CA GLY C 57 44.49 -0.59 32.23
C GLY C 57 45.61 -1.54 31.88
N LEU C 58 45.79 -1.79 30.60
CA LEU C 58 46.83 -2.71 30.11
C LEU C 58 48.23 -2.17 30.33
N SER C 59 48.38 -0.84 30.31
CA SER C 59 49.67 -0.21 30.58
C SER C 59 50.06 -0.30 32.06
N ALA C 60 49.07 -0.50 32.93
CA ALA C 60 49.31 -0.73 34.35
C ALA C 60 49.88 -2.14 34.60
N LEU C 61 49.72 -3.01 33.60
CA LEU C 61 50.20 -4.39 33.67
C LEU C 61 51.44 -4.62 32.81
N LEU C 62 51.59 -3.83 31.76
CA LEU C 62 52.65 -4.06 30.77
C LEU C 62 53.81 -3.06 30.81
N LEU C 63 53.61 -1.93 31.48
CA LEU C 63 54.64 -0.90 31.57
C LEU C 63 55.24 -0.79 32.99
N PRO C 64 56.58 -0.67 33.08
CA PRO C 64 57.27 -0.57 34.36
C PRO C 64 57.10 0.80 35.02
N GLY C 65 57.19 0.83 36.34
CA GLY C 65 57.09 2.08 37.11
C GLY C 65 55.66 2.47 37.47
N ASN C 66 55.52 3.21 38.56
CA ASN C 66 54.22 3.69 39.04
C ASN C 66 53.72 4.92 38.29
N PHE C 67 52.48 5.32 38.57
CA PHE C 67 51.84 6.45 37.90
C PHE C 67 52.52 7.79 38.19
N GLU C 68 52.94 7.98 39.44
CA GLU C 68 53.63 9.20 39.86
C GLU C 68 54.88 9.47 39.02
N SER C 69 55.63 8.40 38.73
CA SER C 69 56.84 8.50 37.90
C SER C 69 56.52 8.73 36.43
N HIS C 70 55.36 8.22 35.99
CA HIS C 70 54.92 8.38 34.60
C HIS C 70 54.54 9.83 34.26
N LEU C 71 54.08 10.58 35.26
CA LEU C 71 53.76 11.99 35.09
C LEU C 71 55.01 12.86 34.95
N GLU C 72 56.12 12.40 35.53
CA GLU C 72 57.40 13.08 35.39
C GLU C 72 57.91 13.03 33.95
N LEU C 73 57.52 11.99 33.22
CA LEU C 73 57.84 11.87 31.80
C LEU C 73 57.08 12.91 30.96
N VAL C 74 55.85 13.20 31.37
CA VAL C 74 55.02 14.23 30.74
C VAL C 74 55.61 15.62 31.04
N LYS C 75 56.09 15.79 32.26
CA LYS C 75 56.73 17.04 32.69
C LYS C 75 58.07 17.27 31.99
N SER C 76 58.76 16.17 31.68
CA SER C 76 60.08 16.22 31.04
C SER C 76 60.07 16.93 29.68
N LEU C 77 59.15 16.51 28.81
CA LEU C 77 58.93 17.21 27.55
C LEU C 77 58.16 18.50 27.85
N CYS C 78 58.83 19.64 27.63
CA CYS C 78 58.35 20.96 28.07
C CYS C 78 56.82 21.12 28.11
N LEU C 79 56.31 21.38 29.31
CA LEU C 79 54.87 21.52 29.54
C LEU C 79 54.33 22.86 29.03
N GLY C 80 53.97 22.89 27.75
CA GLY C 80 53.41 24.10 27.12
C GLY C 80 52.08 24.50 27.75
N PRO C 81 51.88 25.81 28.01
CA PRO C 81 50.65 26.28 28.66
C PRO C 81 49.39 26.04 27.82
N THR C 82 49.45 26.41 26.54
CA THR C 82 48.33 26.21 25.61
C THR C 82 48.21 24.73 25.24
N LEU C 83 49.36 24.06 25.10
CA LEU C 83 49.41 22.67 24.66
C LEU C 83 48.87 21.69 25.70
N ILE C 84 48.95 22.07 26.99
CA ILE C 84 48.42 21.23 28.07
C ILE C 84 46.90 21.36 28.19
N TYR C 85 46.37 22.53 27.83
CA TYR C 85 44.93 22.78 27.80
C TYR C 85 44.26 22.03 26.65
N THR C 86 44.96 21.97 25.52
CA THR C 86 44.46 21.27 24.33
C THR C 86 44.41 19.75 24.54
N ALA C 87 45.39 19.23 25.29
CA ALA C 87 45.42 17.82 25.65
C ALA C 87 44.25 17.45 26.56
N LYS C 88 43.93 18.33 27.50
CA LYS C 88 42.82 18.13 28.43
C LYS C 88 41.46 18.30 27.74
N PHE C 89 41.39 19.21 26.77
CA PHE C 89 40.18 19.44 25.99
C PHE C 89 39.89 18.26 25.06
N GLY C 90 40.92 17.73 24.43
CA GLY C 90 40.80 16.60 23.51
C GLY C 90 40.55 15.26 24.18
N ILE C 91 40.74 15.22 25.50
CA ILE C 91 40.43 14.05 26.30
C ILE C 91 39.02 14.12 26.86
N VAL C 92 38.62 15.32 27.28
CA VAL C 92 37.28 15.56 27.85
C VAL C 92 36.20 15.69 26.78
N PHE C 93 36.55 16.20 25.60
CA PHE C 93 35.59 16.41 24.51
C PHE C 93 34.79 15.16 24.11
N PRO C 94 35.46 14.02 23.89
CA PRO C 94 34.70 12.82 23.54
C PRO C 94 33.94 12.24 24.72
N LEU C 95 34.46 12.43 25.93
CA LEU C 95 33.82 11.92 27.15
C LEU C 95 32.56 12.69 27.49
N MET C 96 32.60 14.00 27.30
CA MET C 96 31.46 14.86 27.60
C MET C 96 30.33 14.75 26.58
N TYR C 97 30.70 14.59 25.31
CA TYR C 97 29.72 14.35 24.25
C TYR C 97 28.93 13.09 24.55
N HIS C 98 29.64 12.00 24.79
CA HIS C 98 29.06 10.68 25.03
C HIS C 98 28.21 10.63 26.31
N THR C 99 28.64 11.37 27.34
CA THR C 99 27.89 11.46 28.59
C THR C 99 26.55 12.15 28.37
N TRP C 100 26.59 13.36 27.82
CA TRP C 100 25.38 14.15 27.58
C TRP C 100 24.43 13.45 26.62
N ASN C 101 24.98 12.87 25.56
CA ASN C 101 24.18 12.13 24.58
C ASN C 101 23.64 10.83 25.16
N GLY C 102 24.37 10.24 26.11
CA GLY C 102 23.92 9.08 26.87
C GLY C 102 22.62 9.33 27.60
N ILE C 103 22.53 10.49 28.25
CA ILE C 103 21.29 10.94 28.88
C ILE C 103 20.15 11.04 27.85
N ARG C 104 20.46 11.61 26.69
CA ARG C 104 19.50 11.71 25.59
C ARG C 104 19.07 10.32 25.11
N HIS C 105 20.02 9.39 25.09
CA HIS C 105 19.72 7.99 24.77
C HIS C 105 18.90 7.29 25.85
N LEU C 106 19.11 7.70 27.10
CA LEU C 106 18.38 7.11 28.23
C LEU C 106 16.97 7.69 28.40
N ILE C 107 16.80 8.94 27.99
CA ILE C 107 15.47 9.56 27.95
C ILE C 107 14.63 8.88 26.86
N TRP C 108 15.27 8.56 25.73
CA TRP C 108 14.60 7.85 24.63
C TRP C 108 14.08 6.48 25.05
N ASP C 109 14.88 5.74 25.82
CA ASP C 109 14.52 4.40 26.27
C ASP C 109 13.34 4.40 27.24
N LEU C 110 13.10 5.54 27.89
CA LEU C 110 11.91 5.75 28.69
C LEU C 110 10.69 6.06 27.81
N GLY C 111 10.96 6.39 26.54
CA GLY C 111 9.90 6.64 25.57
C GLY C 111 9.69 8.10 25.24
N LYS C 112 10.32 8.97 26.03
CA LYS C 112 10.14 10.42 25.92
C LYS C 112 10.99 11.07 24.83
N GLY C 113 10.45 12.13 24.25
CA GLY C 113 11.17 12.98 23.29
C GLY C 113 11.55 12.33 21.98
N LEU C 114 10.62 11.63 21.35
CA LEU C 114 10.90 10.89 20.12
C LEU C 114 10.20 11.41 18.87
N THR C 115 10.17 12.73 18.70
CA THR C 115 9.72 13.33 17.45
C THR C 115 10.89 14.07 16.78
N ILE C 116 10.80 14.26 15.46
CA ILE C 116 11.88 14.91 14.70
C ILE C 116 12.17 16.33 15.20
N PRO C 117 11.13 17.15 15.46
CA PRO C 117 11.37 18.45 16.10
C PRO C 117 12.10 18.33 17.43
N GLN C 118 11.71 17.35 18.25
CA GLN C 118 12.35 17.12 19.56
C GLN C 118 13.80 16.65 19.43
N LEU C 119 14.05 15.78 18.45
CA LEU C 119 15.40 15.29 18.17
C LEU C 119 16.36 16.41 17.78
N THR C 120 15.86 17.39 17.03
CA THR C 120 16.66 18.55 16.65
C THR C 120 16.93 19.43 17.87
N GLN C 121 15.88 19.75 18.63
CA GLN C 121 15.99 20.54 19.87
C GLN C 121 16.97 19.91 20.88
N SER C 122 16.68 18.67 21.29
CA SER C 122 17.50 17.94 22.27
C SER C 122 18.90 17.68 21.74
N GLY C 123 19.01 17.47 20.44
CA GLY C 123 20.31 17.30 19.76
C GLY C 123 21.19 18.52 19.92
N VAL C 124 20.63 19.70 19.63
CA VAL C 124 21.33 20.98 19.78
C VAL C 124 21.74 21.23 21.24
N VAL C 125 20.83 20.94 22.17
CA VAL C 125 21.09 21.10 23.61
C VAL C 125 22.27 20.25 24.09
N VAL C 126 22.45 19.07 23.50
CA VAL C 126 23.63 18.24 23.79
C VAL C 126 24.91 18.94 23.31
N LEU C 127 24.91 19.39 22.05
CA LEU C 127 26.05 20.08 21.45
C LEU C 127 26.53 21.27 22.29
N ILE C 128 25.59 22.10 22.72
CA ILE C 128 25.88 23.26 23.57
C ILE C 128 26.41 22.86 24.94
N LEU C 129 25.80 21.84 25.55
CA LEU C 129 26.27 21.30 26.83
C LEU C 129 27.65 20.66 26.74
N THR C 130 27.95 20.04 25.58
CA THR C 130 29.26 19.41 25.36
C THR C 130 30.37 20.45 25.33
N VAL C 131 30.22 21.47 24.49
CA VAL C 131 31.20 22.56 24.38
C VAL C 131 31.50 23.21 25.74
N LEU C 132 30.44 23.62 26.44
CA LEU C 132 30.56 24.32 27.72
C LEU C 132 31.23 23.49 28.81
N SER C 133 30.81 22.22 28.94
CA SER C 133 31.38 21.34 29.94
C SER C 133 32.78 20.86 29.56
N SER C 134 33.11 20.90 28.27
CA SER C 134 34.45 20.54 27.81
C SER C 134 35.46 21.66 28.07
N VAL C 135 35.04 22.90 27.81
CA VAL C 135 35.83 24.09 28.09
C VAL C 135 35.93 24.31 29.60
N GLY C 136 34.80 24.11 30.29
CA GLY C 136 34.71 24.30 31.74
C GLY C 136 35.58 23.38 32.58
N LEU C 137 35.65 22.11 32.20
CA LEU C 137 36.46 21.13 32.92
C LEU C 137 37.94 21.20 32.57
N ALA C 138 38.24 21.42 31.28
CA ALA C 138 39.63 21.53 30.82
C ALA C 138 40.43 22.59 31.58
N ALA C 139 39.72 23.55 32.18
CA ALA C 139 40.33 24.54 33.06
C ALA C 139 39.78 24.42 34.48
N MET C 140 40.49 23.67 35.34
CA MET C 140 40.10 23.47 36.74
C MET C 140 41.32 23.45 37.67
N SER D 2 10.89 -20.58 25.40
CA SER D 2 11.39 -19.17 25.37
C SER D 2 12.01 -18.75 26.70
N SER D 3 12.97 -17.83 26.62
CA SER D 3 13.57 -17.19 27.79
C SER D 3 13.63 -15.68 27.55
N LYS D 4 13.83 -14.92 28.61
CA LYS D 4 13.96 -13.46 28.51
C LYS D 4 15.43 -13.02 28.48
N ALA D 5 16.26 -13.83 27.81
CA ALA D 5 17.71 -13.65 27.79
C ALA D 5 18.18 -12.37 27.10
N ALA D 6 17.45 -11.93 26.09
CA ALA D 6 17.79 -10.71 25.36
C ALA D 6 17.31 -9.46 26.08
N SER D 7 16.06 -9.51 26.57
CA SER D 7 15.47 -8.37 27.28
C SER D 7 16.13 -8.08 28.63
N LEU D 8 16.61 -9.14 29.30
CA LEU D 8 17.36 -8.99 30.54
C LEU D 8 18.70 -8.29 30.30
N HIS D 9 19.35 -8.65 29.20
CA HIS D 9 20.61 -8.04 28.82
C HIS D 9 20.44 -6.56 28.51
N TRP D 10 19.34 -6.22 27.84
CA TRP D 10 19.02 -4.85 27.47
C TRP D 10 18.86 -3.98 28.70
N THR D 11 18.02 -4.43 29.64
CA THR D 11 17.78 -3.72 30.89
C THR D 11 19.07 -3.55 31.70
N GLY D 12 19.88 -4.61 31.75
CA GLY D 12 21.18 -4.58 32.41
C GLY D 12 22.05 -3.46 31.89
N GLU D 13 22.11 -3.32 30.56
CA GLU D 13 22.85 -2.24 29.90
C GLU D 13 22.45 -0.86 30.44
N ARG D 14 21.14 -0.61 30.49
CA ARG D 14 20.61 0.69 30.90
C ARG D 14 20.79 0.91 32.40
N VAL D 15 20.75 -0.18 33.17
CA VAL D 15 20.96 -0.12 34.61
C VAL D 15 22.38 0.37 34.92
N VAL D 16 23.39 -0.27 34.31
CA VAL D 16 24.79 0.16 34.52
C VAL D 16 25.05 1.56 33.96
N SER D 17 24.30 1.97 32.95
CA SER D 17 24.41 3.31 32.40
C SER D 17 24.03 4.38 33.42
N VAL D 18 22.87 4.20 34.06
CA VAL D 18 22.42 5.14 35.10
C VAL D 18 23.27 5.04 36.36
N LEU D 19 23.92 3.88 36.51
CA LEU D 19 24.85 3.63 37.60
C LEU D 19 26.17 4.36 37.34
N LEU D 20 26.63 4.31 36.08
CA LEU D 20 27.85 4.99 35.66
C LEU D 20 27.65 6.51 35.62
N LEU D 21 26.46 6.94 35.25
CA LEU D 21 26.08 8.35 35.30
C LEU D 21 25.99 8.83 36.74
N GLY D 22 25.78 7.88 37.65
CA GLY D 22 25.77 8.17 39.08
C GLY D 22 27.17 8.31 39.66
N LEU D 23 28.11 7.51 39.15
CA LEU D 23 29.46 7.42 39.71
C LEU D 23 30.38 8.59 39.37
N LEU D 24 30.22 9.17 38.18
CA LEU D 24 31.07 10.29 37.75
C LEU D 24 30.99 11.53 38.65
N PRO D 25 29.77 11.99 39.02
CA PRO D 25 29.70 13.07 40.00
C PRO D 25 30.02 12.61 41.43
N ALA D 26 29.71 11.35 41.74
CA ALA D 26 29.95 10.80 43.07
C ALA D 26 31.45 10.63 43.37
N ALA D 27 32.22 10.31 42.34
CA ALA D 27 33.67 10.13 42.47
C ALA D 27 34.40 11.45 42.67
N TYR D 28 33.89 12.51 42.04
CA TYR D 28 34.45 13.85 42.19
C TYR D 28 34.22 14.37 43.61
N LEU D 29 32.98 14.26 44.08
CA LEU D 29 32.58 14.76 45.39
C LEU D 29 33.10 13.92 46.54
N ASN D 30 33.33 12.64 46.29
CA ASN D 30 33.86 11.72 47.30
C ASN D 30 34.92 10.77 46.72
N PRO D 31 36.15 11.26 46.51
CA PRO D 31 37.22 10.45 45.93
C PRO D 31 37.89 9.55 46.97
N CYS D 32 37.67 8.24 46.83
CA CYS D 32 38.17 7.28 47.81
C CYS D 32 38.47 5.91 47.20
N SER D 33 38.86 4.98 48.07
CA SER D 33 39.21 3.61 47.68
C SER D 33 38.01 2.82 47.14
N ALA D 34 36.86 2.94 47.82
CA ALA D 34 35.65 2.21 47.45
C ALA D 34 35.02 2.70 46.15
N MET D 35 35.20 3.99 45.85
CA MET D 35 34.69 4.58 44.63
C MET D 35 35.57 4.27 43.44
N ASP D 36 36.78 3.81 43.71
CA ASP D 36 37.73 3.41 42.67
C ASP D 36 37.35 2.08 42.04
N TYR D 37 36.97 1.11 42.87
CA TYR D 37 36.57 -0.22 42.39
C TYR D 37 35.20 -0.20 41.72
N SER D 38 34.28 0.60 42.27
CA SER D 38 32.96 0.78 41.69
C SER D 38 33.08 1.36 40.28
N LEU D 39 33.92 2.37 40.14
CA LEU D 39 34.17 3.03 38.86
C LEU D 39 34.98 2.13 37.91
N ALA D 40 35.64 1.12 38.46
CA ALA D 40 36.39 0.15 37.66
C ALA D 40 35.47 -0.93 37.12
N ALA D 41 34.55 -1.39 37.96
CA ALA D 41 33.60 -2.44 37.60
C ALA D 41 32.57 -1.94 36.59
N ALA D 42 31.96 -0.79 36.90
CA ALA D 42 30.95 -0.19 36.05
C ALA D 42 31.51 0.27 34.71
N LEU D 43 32.75 0.74 34.72
CA LEU D 43 33.41 1.26 33.53
C LEU D 43 33.72 0.15 32.52
N THR D 44 34.38 -0.92 33.00
CA THR D 44 34.77 -2.05 32.14
C THR D 44 33.57 -2.85 31.64
N LEU D 45 32.57 -3.03 32.50
CA LEU D 45 31.35 -3.75 32.14
C LEU D 45 30.63 -3.03 31.01
N HIS D 46 30.21 -1.79 31.27
CA HIS D 46 29.52 -0.94 30.30
C HIS D 46 30.26 -0.87 28.96
N GLY D 47 31.58 -0.82 29.03
CA GLY D 47 32.43 -0.84 27.83
C GLY D 47 32.41 -2.18 27.12
N HIS D 48 32.53 -3.25 27.90
CA HIS D 48 32.51 -4.61 27.37
C HIS D 48 31.22 -4.92 26.60
N TRP D 49 30.09 -4.53 27.18
CA TRP D 49 28.79 -4.71 26.53
C TRP D 49 28.64 -3.77 25.35
N GLY D 50 29.33 -2.63 25.43
CA GLY D 50 29.28 -1.62 24.38
C GLY D 50 29.93 -2.07 23.08
N ILE D 51 31.17 -2.57 23.19
CA ILE D 51 31.89 -3.10 22.03
C ILE D 51 31.21 -4.38 21.49
N GLY D 52 30.57 -5.13 22.38
CA GLY D 52 29.78 -6.30 22.00
C GLY D 52 28.68 -5.96 21.01
N GLN D 53 28.06 -4.79 21.19
CA GLN D 53 27.04 -4.28 20.27
C GLN D 53 27.63 -3.89 18.92
N VAL D 54 28.88 -3.43 18.95
CA VAL D 54 29.62 -3.08 17.73
C VAL D 54 30.04 -4.35 16.99
N VAL D 55 30.47 -5.36 17.76
CA VAL D 55 30.89 -6.65 17.20
C VAL D 55 29.72 -7.36 16.52
N THR D 56 28.60 -7.46 17.24
CA THR D 56 27.39 -8.12 16.70
C THR D 56 26.84 -7.43 15.46
N ASP D 57 27.07 -6.12 15.34
CA ASP D 57 26.60 -5.34 14.18
C ASP D 57 27.46 -5.52 12.94
N TYR D 58 28.78 -5.60 13.12
CA TYR D 58 29.71 -5.58 11.99
C TYR D 58 30.46 -6.89 11.69
N VAL D 59 30.66 -7.74 12.70
CA VAL D 59 31.41 -8.98 12.48
C VAL D 59 30.52 -10.07 11.88
N ARG D 60 30.68 -10.29 10.57
CA ARG D 60 29.88 -11.26 9.83
C ARG D 60 30.61 -12.60 9.72
N GLY D 61 29.88 -13.69 9.95
CA GLY D 61 30.43 -15.04 9.84
C GLY D 61 30.30 -15.88 11.09
N ASP D 62 30.46 -17.19 10.93
CA ASP D 62 30.38 -18.14 12.04
C ASP D 62 31.66 -18.11 12.89
N ALA D 63 32.80 -18.40 12.24
CA ALA D 63 34.09 -18.48 12.91
C ALA D 63 34.57 -17.15 13.46
N LEU D 64 34.25 -16.07 12.76
CA LEU D 64 34.67 -14.72 13.17
C LEU D 64 33.89 -14.16 14.36
N GLN D 65 32.56 -14.27 14.32
CA GLN D 65 31.68 -13.75 15.39
C GLN D 65 32.05 -14.32 16.76
N LYS D 66 32.32 -15.63 16.79
CA LYS D 66 32.73 -16.32 18.02
C LYS D 66 34.12 -15.84 18.46
N ALA D 67 35.01 -15.67 17.50
CA ALA D 67 36.42 -15.31 17.76
C ALA D 67 36.58 -13.91 18.34
N ALA D 68 35.89 -12.94 17.74
CA ALA D 68 35.90 -11.55 18.20
C ALA D 68 35.35 -11.44 19.62
N LYS D 69 34.23 -12.13 19.88
CA LYS D 69 33.65 -12.21 21.22
C LYS D 69 34.63 -12.76 22.26
N ALA D 70 35.38 -13.79 21.89
CA ALA D 70 36.41 -14.36 22.76
C ALA D 70 37.58 -13.38 22.94
N GLY D 71 37.88 -12.65 21.87
CA GLY D 71 38.92 -11.62 21.91
C GLY D 71 38.55 -10.47 22.82
N LEU D 72 37.30 -10.03 22.73
CA LEU D 72 36.77 -8.95 23.56
C LEU D 72 36.69 -9.36 25.04
N LEU D 73 36.30 -10.61 25.27
CA LEU D 73 36.20 -11.14 26.65
C LEU D 73 37.54 -11.09 27.35
N ALA D 74 38.61 -11.44 26.63
CA ALA D 74 39.96 -11.40 27.16
C ALA D 74 40.42 -9.97 27.43
N LEU D 75 40.26 -9.11 26.42
CA LEU D 75 40.70 -7.72 26.50
C LEU D 75 40.03 -6.95 27.63
N SER D 76 38.73 -7.17 27.81
CA SER D 76 37.97 -6.46 28.86
C SER D 76 38.28 -7.02 30.26
N ALA D 77 38.51 -8.33 30.34
CA ALA D 77 38.92 -8.95 31.60
C ALA D 77 40.31 -8.45 32.00
N PHE D 78 41.19 -8.30 31.01
CA PHE D 78 42.51 -7.71 31.22
C PHE D 78 42.40 -6.26 31.67
N THR D 79 41.43 -5.55 31.11
CA THR D 79 41.19 -4.14 31.45
C THR D 79 40.71 -4.00 32.90
N PHE D 80 39.80 -4.88 33.32
CA PHE D 80 39.31 -4.86 34.71
C PHE D 80 40.39 -5.26 35.71
N ALA D 81 41.23 -6.22 35.33
CA ALA D 81 42.33 -6.66 36.17
C ALA D 81 43.40 -5.58 36.31
N GLY D 82 43.62 -4.84 35.23
CA GLY D 82 44.61 -3.75 35.20
C GLY D 82 44.21 -2.59 36.08
N LEU D 83 42.92 -2.26 36.09
CA LEU D 83 42.40 -1.17 36.90
C LEU D 83 42.40 -1.52 38.39
N CYS D 84 42.05 -2.77 38.69
CA CYS D 84 42.03 -3.25 40.07
C CYS D 84 43.43 -3.29 40.66
N TYR D 85 44.40 -3.68 39.85
CA TYR D 85 45.81 -3.65 40.24
C TYR D 85 46.26 -2.21 40.49
N PHE D 86 45.82 -1.30 39.62
CA PHE D 86 46.13 0.12 39.73
C PHE D 86 45.57 0.73 41.02
N ASN D 87 44.37 0.30 41.39
CA ASN D 87 43.74 0.76 42.63
C ASN D 87 44.41 0.18 43.87
N TYR D 88 44.89 -1.06 43.76
CA TYR D 88 45.47 -1.77 44.89
C TYR D 88 46.95 -1.46 45.11
N HIS D 89 47.69 -1.32 44.02
CA HIS D 89 49.15 -1.15 44.09
C HIS D 89 49.67 0.22 43.63
N ASP D 90 48.74 1.13 43.34
CA ASP D 90 49.14 2.48 42.90
C ASP D 90 48.16 3.53 43.44
N VAL D 91 48.23 4.72 42.86
CA VAL D 91 47.51 5.90 43.35
C VAL D 91 45.97 5.73 43.39
N GLY D 92 45.45 4.90 42.50
CA GLY D 92 44.00 4.71 42.39
C GLY D 92 43.40 5.75 41.47
N ILE D 93 42.58 5.30 40.53
CA ILE D 93 42.07 6.14 39.43
C ILE D 93 41.59 7.54 39.82
N CYS D 94 40.82 7.66 40.90
CA CYS D 94 40.31 8.96 41.36
C CYS D 94 41.44 9.98 41.56
N LYS D 95 42.40 9.62 42.42
CA LYS D 95 43.57 10.45 42.70
C LYS D 95 44.45 10.61 41.46
N ALA D 96 44.51 9.57 40.62
CA ALA D 96 45.27 9.60 39.37
C ALA D 96 44.74 10.66 38.41
N VAL D 97 43.42 10.82 38.38
CA VAL D 97 42.78 11.87 37.60
C VAL D 97 43.11 13.23 38.20
N ALA D 98 43.05 13.31 39.54
CA ALA D 98 43.35 14.53 40.28
C ALA D 98 44.78 15.02 40.05
N MET D 99 45.72 14.09 39.99
CA MET D 99 47.14 14.39 39.76
C MET D 99 47.36 14.87 38.34
N LEU D 100 46.80 14.13 37.38
CA LEU D 100 46.90 14.45 35.96
C LEU D 100 46.30 15.82 35.62
N TRP D 101 45.27 16.21 36.37
CA TRP D 101 44.52 17.43 36.06
C TRP D 101 45.19 18.73 36.50
N LYS D 102 45.63 18.78 37.75
CA LYS D 102 46.35 19.97 38.23
C LYS D 102 47.84 19.93 37.83
N LEU D 103 48.07 19.61 36.55
CA LEU D 103 49.41 19.50 35.99
C LEU D 103 49.58 20.44 34.80
PA FAD E . -8.49 -4.68 -7.77
O1A FAD E . -8.57 -4.31 -6.31
O2A FAD E . -8.33 -3.47 -8.64
O5B FAD E . -7.26 -5.68 -7.99
C5B FAD E . -6.89 -6.08 -9.29
C4B FAD E . -5.95 -7.27 -9.16
O4B FAD E . -5.87 -7.98 -10.38
C3B FAD E . -4.54 -6.84 -8.81
O3B FAD E . -4.16 -7.57 -7.67
C2B FAD E . -3.68 -7.21 -10.00
O2B FAD E . -2.46 -7.76 -9.61
C1B FAD E . -4.52 -8.24 -10.74
N9A FAD E . -4.32 -8.17 -12.20
C8A FAD E . -4.86 -7.26 -13.08
N7A FAD E . -4.43 -7.56 -14.32
C5A FAD E . -3.64 -8.64 -14.25
C6A FAD E . -2.93 -9.36 -15.22
N6A FAD E . -2.63 -8.79 -16.38
N1A FAD E . -2.18 -10.45 -14.83
C2A FAD E . -2.11 -10.83 -13.50
N3A FAD E . -2.82 -10.11 -12.55
C4A FAD E . -3.56 -9.04 -12.92
N1 FAD E . -15.78 0.56 -3.33
C2 FAD E . -16.38 0.49 -2.09
O2 FAD E . -17.28 -0.32 -1.90
N3 FAD E . -15.96 1.35 -1.08
C4 FAD E . -14.95 2.24 -1.32
O4 FAD E . -14.58 2.99 -0.42
C4X FAD E . -14.34 2.31 -2.57
N5 FAD E . -13.32 3.22 -2.84
C5X FAD E . -12.73 3.27 -4.09
C6 FAD E . -11.70 4.18 -4.35
C7 FAD E . -11.10 4.24 -5.60
C7M FAD E . -9.99 5.23 -5.85
C8 FAD E . -11.54 3.37 -6.61
C8M FAD E . -10.96 3.38 -7.99
C9 FAD E . -12.56 2.47 -6.35
C9A FAD E . -13.16 2.42 -5.09
N10 FAD E . -14.18 1.51 -4.84
C10 FAD E . -14.77 1.47 -3.58
C1' FAD E . -14.63 0.57 -5.92
C2' FAD E . -14.00 -0.80 -5.62
O2' FAD E . -13.23 -0.75 -4.43
C3' FAD E . -13.12 -1.35 -6.72
O3' FAD E . -13.94 -1.84 -7.77
C4' FAD E . -12.26 -2.48 -6.14
O4' FAD E . -11.11 -1.95 -5.53
C5' FAD E . -11.86 -3.53 -7.18
O5' FAD E . -11.41 -4.65 -6.47
P FAD E . -10.96 -5.99 -7.24
O1P FAD E . -10.46 -7.00 -6.24
O2P FAD E . -12.11 -6.55 -8.04
O3P FAD E . -9.77 -5.54 -8.23
C1 MLI F . -15.77 5.66 -2.31
C2 MLI F . -16.80 4.91 -3.14
C3 MLI F . -16.18 7.10 -2.07
O6 MLI F . -16.41 4.33 -4.19
O7 MLI F . -17.99 4.87 -2.77
O8 MLI F . -15.50 8.00 -2.60
O9 MLI F . -17.17 7.33 -1.35
FE1 FES G . 0.78 4.51 -4.99
FE2 FES G . 3.33 6.12 -5.21
S1 FES G . 2.20 4.88 -6.63
S2 FES G . 2.21 5.26 -3.52
FE1 SF4 H . 7.68 2.54 6.93
FE2 SF4 H . 6.10 4.74 7.05
FE3 SF4 H . 6.30 3.28 4.71
FE4 SF4 H . 5.00 2.25 6.87
S1 SF4 H . 4.38 4.12 5.66
S2 SF4 H . 6.51 1.14 5.53
S3 SF4 H . 6.22 3.08 8.63
S4 SF4 H . 7.95 4.50 5.72
FE1 F3S I . 14.80 3.77 13.08
FE3 F3S I . 15.87 1.94 14.90
FE4 F3S I . 16.77 2.56 12.88
S1 F3S I . 15.18 4.03 15.24
S2 F3S I . 16.25 4.14 11.46
S3 F3S I . 14.80 1.56 13.01
S4 F3S I . 17.91 1.37 14.30
CHA HEM J . 27.01 3.20 24.44
CHB HEM J . 25.50 5.80 28.23
CHC HEM J . 30.12 6.55 29.50
CHD HEM J . 31.55 3.21 26.28
C1A HEM J . 26.19 3.78 25.37
C2A HEM J . 24.74 3.65 25.47
C3A HEM J . 24.33 4.38 26.52
C4A HEM J . 25.49 4.98 27.12
CMA HEM J . 22.87 4.56 27.02
CAA HEM J . 23.85 2.82 24.51
CBA HEM J . 23.25 3.69 23.41
CGA HEM J . 22.04 3.01 22.82
O1A HEM J . 20.93 3.18 23.36
O2A HEM J . 22.20 2.28 21.80
C1B HEM J . 26.61 6.30 28.87
C2B HEM J . 26.65 7.28 29.94
C3B HEM J . 27.92 7.49 30.28
C4B HEM J . 28.75 6.63 29.45
CMB HEM J . 25.40 7.99 30.57
CAB HEM J . 28.42 8.45 31.37
CBB HEM J . 28.46 8.04 32.64
C1C HEM J . 30.91 5.67 28.79
C2C HEM J . 32.33 5.41 29.00
C3C HEM J . 32.72 4.49 28.11
C4C HEM J . 31.56 4.13 27.29
CMC HEM J . 33.23 6.07 30.07
CAC HEM J . 34.14 3.89 27.96
CBC HEM J . 34.39 2.65 28.39
C1D HEM J . 30.49 2.91 25.46
C2D HEM J . 30.54 2.02 24.32
C3D HEM J . 29.12 2.02 23.74
C4D HEM J . 28.35 2.91 24.58
CMD HEM J . 31.76 1.22 23.79
CAD HEM J . 28.66 1.19 22.51
CBD HEM J . 28.14 2.06 21.37
CGD HEM J . 27.12 1.19 20.66
O1D HEM J . 25.95 1.11 21.14
O2D HEM J . 27.48 0.58 19.63
NA HEM J . 26.61 4.60 26.41
NB HEM J . 27.92 5.92 28.60
NC HEM J . 30.49 4.87 27.75
ND HEM J . 29.18 3.40 25.58
FE HEM J . 28.55 4.73 27.05
N TFZ K . 25.82 4.48 14.33
O TFZ K . 25.39 2.87 12.83
C1 TFZ K . 26.38 4.18 10.04
F1 TFZ K . 27.61 4.37 10.48
C2 TFZ K . 25.45 5.16 10.70
F2 TFZ K . 25.99 2.94 10.27
C3 TFZ K . 25.01 5.10 12.14
F3 TFZ K . 26.36 4.39 8.73
C4 TFZ K . 24.14 6.10 12.61
C5 TFZ K . 23.71 7.11 11.76
C6 TFZ K . 24.12 7.16 10.43
C7 TFZ K . 24.99 6.21 9.91
C8 TFZ K . 25.41 4.05 13.14
C9 TFZ K . 25.38 4.02 15.54
C10 TFZ K . 25.05 4.94 16.54
C11 TFZ K . 24.62 4.53 17.80
C12 TFZ K . 24.52 3.17 18.08
C13 TFZ K . 24.84 2.24 17.09
C14 TFZ K . 25.28 2.66 15.84
C1 EPH L . 39.51 14.05 42.10
C2 EPH L . 39.08 15.41 42.65
C4 EPH L . 37.82 13.04 40.58
O2 EPH L . 38.39 13.20 41.91
O4 EPH L . 37.10 13.91 40.13
C18 EPH L . 38.15 11.81 39.76
C19 EPH L . 36.86 11.16 39.24
C20 EPH L . 36.65 11.47 37.77
C21 EPH L . 36.08 10.25 37.04
C22 EPH L . 37.10 9.66 36.06
C23 EPH L . 36.40 8.89 34.96
C24 EPH L . 37.40 8.22 34.02
C25 EPH L . 37.03 8.44 32.56
C26 EPH L . 37.94 7.64 31.63
C27 EPH L . 37.68 7.99 30.18
C28 EPH L . 38.94 7.84 29.34
C29 EPH L . 39.06 8.95 28.30
C30 EPH L . 40.17 8.67 27.30
C31 EPH L . 39.84 9.21 25.93
C37 EPH L . 40.17 15.97 43.56
O5 EPH L . 39.79 17.24 44.07
C3 EPH L . 39.65 16.65 40.54
O1 EPH L . 38.69 16.33 41.61
O3 EPH L . 40.58 17.39 40.76
C5 EPH L . 39.46 16.08 39.15
C6 EPH L . 38.23 16.70 38.50
C7 EPH L . 38.50 17.12 37.06
C8 EPH L . 38.47 15.95 36.08
C9 EPH L . 37.07 15.64 35.57
C10 EPH L . 37.10 15.16 34.13
C11 EPH L . 37.21 13.65 34.02
C12 EPH L . 38.13 13.24 32.87
C13 EPH L . 39.41 12.61 33.40
C14 EPH L . 40.07 11.72 32.35
C15 EPH L . 40.36 10.33 32.90
C16 EPH L . 41.85 10.01 32.87
C17 EPH L . 42.09 8.53 33.04
P1 EPH L . 40.71 18.55 43.82
O6 EPH L . 39.91 19.62 42.89
O7 EPH L . 42.11 18.17 43.18
O8 EPH L . 40.92 19.16 45.30
C38 EPH L . 42.00 20.04 45.60
C39 EPH L . 42.62 19.64 46.94
N1 EPH L . 44.06 19.60 46.81
#